data_5S7L
#
_entry.id   5S7L
#
_cell.length_a   127.153
_cell.length_b   84.790
_cell.length_c   88.006
_cell.angle_alpha   90.000
_cell.angle_beta   131.080
_cell.angle_gamma   90.000
#
_symmetry.space_group_name_H-M   'C 1 2 1'
#
loop_
_entity.id
_entity.type
_entity.pdbx_description
1 polymer 'Activin receptor type-1'
2 non-polymer 4-methyl-3-[4-(1-methylpiperidin-4-yl)phenyl]-5-(3,4,5-trimethoxyphenyl)pyridine
3 non-polymer 1,2-ETHANEDIOL
4 non-polymer 'DIMETHYL SULFOXIDE'
5 non-polymer (3S)-pyrazolidin-3-amine
6 non-polymer 'SULFATE ION'
7 water water
#
_entity_poly.entity_id   1
_entity_poly.type   'polypeptide(L)'
_entity_poly.pdbx_seq_one_letter_code
;SMQRTVARDITLLECVGKGRYGEVWRGSWQGENVAVKIFSSRDEKSWFRETELYNTVMLRHENILGFIASDMTSRHSSTQ
LWLITHYHEMGSLYDYLQLTTLDTVSCLRIVLSIASGLAHLHIEIFGTQGKPAIAHRDLKSKNILVKKNGQCCIADLGLA
VMHSQSTNQLDVGNNPRVGTKRYMAPEVLDETIQVDCFDSYKRVDIWAFGLVLWEVARRMVSNGIVEDYKPPFYDVVPND
PSFEDMRKVVCVDQQRPNIPNRWFSDPTLTSLAKLMKECWYQNPSARLTALRIKKTLTKID
;
_entity_poly.pdbx_strand_id   A,B
#
loop_
_chem_comp.id
_chem_comp.type
_chem_comp.name
_chem_comp.formula
DMS non-polymer 'DIMETHYL SULFOXIDE' 'C2 H6 O S'
EDO non-polymer 1,2-ETHANEDIOL 'C2 H6 O2'
LU8 non-polymer 4-methyl-3-[4-(1-methylpiperidin-4-yl)phenyl]-5-(3,4,5-trimethoxyphenyl)pyridine 'C27 H32 N2 O3'
SO4 non-polymer 'SULFATE ION' 'O4 S -2'
XHJ non-polymer (3S)-pyrazolidin-3-amine 'C3 H9 N3'
#
# COMPACT_ATOMS: atom_id res chain seq x y z
N GLN A 3 42.29 -1.71 15.77
CA GLN A 3 40.91 -1.60 15.17
C GLN A 3 39.97 -1.02 16.24
N ARG A 4 38.64 -1.18 16.08
CA ARG A 4 37.66 -0.11 16.42
C ARG A 4 37.23 -0.18 17.90
N THR A 5 36.90 0.98 18.45
CA THR A 5 36.26 1.15 19.78
C THR A 5 34.77 0.95 19.59
N VAL A 6 34.19 0.10 20.41
CA VAL A 6 32.72 -0.13 20.44
C VAL A 6 32.22 0.47 21.76
N ALA A 7 31.77 1.73 21.73
CA ALA A 7 31.29 2.48 22.91
C ALA A 7 29.84 2.04 23.18
N ARG A 8 29.65 1.32 24.26
CA ARG A 8 28.40 0.62 24.66
C ARG A 8 27.86 1.29 25.92
N ASP A 9 28.65 2.14 26.59
CA ASP A 9 28.20 2.74 27.86
C ASP A 9 26.94 3.58 27.59
N ILE A 10 25.88 3.35 28.35
CA ILE A 10 24.68 4.23 28.38
C ILE A 10 24.57 4.79 29.78
N THR A 11 24.45 6.11 29.93
CA THR A 11 24.14 6.78 31.21
C THR A 11 22.61 6.77 31.43
N LEU A 12 22.15 6.13 32.49
CA LEU A 12 20.70 6.15 32.84
C LEU A 12 20.43 7.43 33.63
N LEU A 13 19.57 8.32 33.12
CA LEU A 13 19.44 9.68 33.68
C LEU A 13 18.15 9.79 34.48
N GLU A 14 17.04 9.26 33.99
CA GLU A 14 15.73 9.53 34.64
C GLU A 14 14.84 8.31 34.41
N CYS A 15 14.24 7.79 35.47
CA CYS A 15 13.23 6.71 35.32
C CYS A 15 11.90 7.35 34.91
N VAL A 16 11.35 6.88 33.77
CA VAL A 16 10.13 7.47 33.16
C VAL A 16 8.99 6.45 33.22
N GLY A 17 9.21 5.27 33.80
CA GLY A 17 8.17 4.26 33.93
C GLY A 17 8.66 3.16 34.82
N LYS A 18 7.82 2.70 35.74
CA LYS A 18 8.11 1.53 36.61
C LYS A 18 6.81 0.75 36.66
N GLY A 19 6.92 -0.57 36.65
CA GLY A 19 5.75 -1.46 36.62
C GLY A 19 6.15 -2.87 36.95
N ARG A 20 5.26 -3.80 36.70
CA ARG A 20 5.53 -5.26 36.72
C ARG A 20 6.52 -5.63 35.60
N TYR A 21 6.43 -5.06 34.38
CA TYR A 21 7.36 -5.35 33.25
C TYR A 21 8.83 -5.11 33.68
N GLY A 22 9.07 -4.23 34.65
CA GLY A 22 10.37 -3.62 34.94
C GLY A 22 10.31 -2.10 34.94
N GLU A 23 11.30 -1.45 34.31
CA GLU A 23 11.45 0.02 34.33
C GLU A 23 11.82 0.52 32.93
N VAL A 24 11.40 1.74 32.60
CA VAL A 24 11.94 2.45 31.42
C VAL A 24 12.68 3.70 31.91
N TRP A 25 13.87 3.90 31.40
CA TRP A 25 14.77 5.04 31.68
C TRP A 25 14.98 5.87 30.44
N ARG A 26 14.98 7.20 30.60
CA ARG A 26 15.72 8.08 29.68
C ARG A 26 17.21 7.89 29.93
N GLY A 27 17.94 7.64 28.85
CA GLY A 27 19.39 7.39 28.91
C GLY A 27 20.07 8.23 27.87
N SER A 28 21.38 8.25 27.94
CA SER A 28 22.23 9.04 27.04
C SER A 28 23.24 8.08 26.44
N TRP A 29 23.36 8.10 25.13
CA TRP A 29 24.43 7.36 24.43
C TRP A 29 25.05 8.29 23.42
N GLN A 30 26.36 8.53 23.52
CA GLN A 30 27.08 9.38 22.56
C GLN A 30 26.32 10.70 22.38
N GLY A 31 25.86 11.30 23.48
CA GLY A 31 25.28 12.65 23.49
C GLY A 31 23.81 12.68 23.12
N GLU A 32 23.21 11.54 22.76
CA GLU A 32 21.83 11.40 22.20
C GLU A 32 20.93 10.73 23.22
N ASN A 33 19.66 11.15 23.32
CA ASN A 33 18.70 10.45 24.20
C ASN A 33 18.40 9.07 23.59
N VAL A 34 18.33 8.09 24.46
CA VAL A 34 17.76 6.75 24.14
C VAL A 34 16.79 6.40 25.25
N ALA A 35 15.87 5.49 24.95
CA ALA A 35 14.99 4.91 25.99
C ALA A 35 15.51 3.51 26.31
N VAL A 36 15.62 3.17 27.59
CA VAL A 36 16.17 1.86 28.00
C VAL A 36 15.12 1.17 28.81
N LYS A 37 14.56 0.07 28.31
CA LYS A 37 13.61 -0.76 29.07
C LYS A 37 14.43 -1.87 29.73
N ILE A 38 14.35 -1.92 31.03
CA ILE A 38 15.05 -2.94 31.86
C ILE A 38 13.98 -3.93 32.30
N PHE A 39 14.09 -5.16 31.86
CA PHE A 39 13.02 -6.16 32.12
C PHE A 39 13.17 -6.77 33.50
N SER A 40 12.05 -6.96 34.18
CA SER A 40 11.99 -7.87 35.35
C SER A 40 12.23 -9.32 34.93
N SER A 41 12.72 -10.15 35.86
CA SER A 41 12.72 -11.65 35.75
C SER A 41 11.35 -12.12 35.26
N ARG A 42 10.29 -11.53 35.82
CA ARG A 42 8.87 -11.91 35.62
C ARG A 42 8.51 -11.84 34.13
N ASP A 43 9.16 -10.96 33.38
CA ASP A 43 8.74 -10.60 31.99
C ASP A 43 9.90 -10.79 31.01
N GLU A 44 10.79 -11.74 31.28
CA GLU A 44 11.90 -12.05 30.35
C GLU A 44 11.33 -12.45 29.00
N LYS A 45 10.19 -13.11 28.93
CA LYS A 45 9.70 -13.63 27.66
C LYS A 45 9.33 -12.48 26.72
N SER A 46 8.93 -11.33 27.25
CA SER A 46 8.65 -10.13 26.41
C SER A 46 9.95 -9.66 25.73
N TRP A 47 11.06 -9.65 26.45
CA TRP A 47 12.36 -9.28 25.83
C TRP A 47 12.70 -10.27 24.71
N PHE A 48 12.57 -11.57 25.00
CA PHE A 48 12.87 -12.63 24.00
C PHE A 48 11.99 -12.47 22.77
N ARG A 49 10.70 -12.21 22.96
CA ARG A 49 9.79 -12.16 21.77
C ARG A 49 10.10 -10.91 20.93
N GLU A 50 10.32 -9.75 21.56
CA GLU A 50 10.63 -8.54 20.79
C GLU A 50 11.96 -8.76 20.06
N THR A 51 12.95 -9.34 20.75
CA THR A 51 14.28 -9.56 20.18
C THR A 51 14.13 -10.57 19.01
N GLU A 52 13.37 -11.66 19.18
CA GLU A 52 13.19 -12.67 18.11
C GLU A 52 12.57 -11.98 16.90
N LEU A 53 11.60 -11.10 17.14
CA LEU A 53 10.91 -10.44 16.01
C LEU A 53 11.91 -9.56 15.23
N TYR A 54 12.66 -8.73 15.94
CA TYR A 54 13.62 -7.81 15.31
C TYR A 54 14.77 -8.58 14.67
N ASN A 55 15.05 -9.78 15.16
CA ASN A 55 16.07 -10.65 14.54
C ASN A 55 15.49 -11.24 13.27
N THR A 56 14.17 -11.33 13.13
CA THR A 56 13.46 -11.85 11.93
C THR A 56 13.26 -10.74 10.90
N VAL A 57 12.87 -9.56 11.34
CA VAL A 57 12.60 -8.41 10.44
C VAL A 57 12.98 -7.14 11.20
N MET A 58 13.86 -6.35 10.62
CA MET A 58 14.25 -5.07 11.24
C MET A 58 13.21 -4.00 10.84
N LEU A 59 12.15 -3.90 11.61
CA LEU A 59 11.06 -2.95 11.28
C LEU A 59 11.63 -1.55 11.27
N ARG A 60 11.30 -0.77 10.24
CA ARG A 60 11.68 0.64 10.18
C ARG A 60 10.50 1.39 9.61
N HIS A 61 9.81 2.12 10.47
CA HIS A 61 8.58 2.85 10.06
C HIS A 61 8.38 4.03 10.99
N GLU A 62 8.00 5.18 10.45
CA GLU A 62 7.86 6.42 11.24
C GLU A 62 6.83 6.21 12.38
N ASN A 63 5.91 5.27 12.28
CA ASN A 63 4.89 5.08 13.33
C ASN A 63 5.08 3.81 14.15
N ILE A 64 6.30 3.28 14.13
N ILE A 64 6.31 3.29 14.15
CA ILE A 64 6.77 2.16 14.97
CA ILE A 64 6.71 2.17 15.04
C ILE A 64 7.92 2.70 15.82
C ILE A 64 7.95 2.63 15.81
N LEU A 65 7.91 2.46 17.12
CA LEU A 65 9.02 2.91 17.97
C LEU A 65 10.34 2.36 17.42
N GLY A 66 11.32 3.25 17.25
CA GLY A 66 12.56 2.86 16.58
C GLY A 66 13.48 1.99 17.41
N PHE A 67 13.78 0.80 16.91
CA PHE A 67 14.73 -0.14 17.57
C PHE A 67 16.16 0.40 17.45
N ILE A 68 16.90 0.26 18.55
CA ILE A 68 18.36 0.53 18.56
C ILE A 68 19.09 -0.77 18.91
N ALA A 69 18.74 -1.43 20.01
CA ALA A 69 19.51 -2.60 20.46
C ALA A 69 18.74 -3.45 21.45
N SER A 70 19.07 -4.73 21.43
CA SER A 70 18.72 -5.67 22.52
C SER A 70 20.01 -6.17 23.17
N ASP A 71 20.09 -6.05 24.48
CA ASP A 71 21.29 -6.45 25.23
C ASP A 71 20.92 -7.48 26.30
N MET A 72 21.66 -8.57 26.31
CA MET A 72 21.71 -9.52 27.45
C MET A 72 23.10 -9.44 28.12
N THR A 73 23.16 -9.18 29.42
CA THR A 73 24.45 -9.09 30.15
C THR A 73 24.38 -10.08 31.31
N SER A 74 25.39 -10.95 31.41
CA SER A 74 25.56 -11.89 32.52
C SER A 74 25.92 -11.10 33.80
N ARG A 75 25.20 -11.34 34.87
CA ARG A 75 25.56 -10.86 36.24
C ARG A 75 25.88 -12.09 37.10
N HIS A 76 26.38 -11.87 38.32
CA HIS A 76 26.87 -12.98 39.21
C HIS A 76 25.82 -14.08 39.30
N SER A 77 24.57 -13.73 39.57
CA SER A 77 23.50 -14.70 39.92
C SER A 77 22.26 -14.49 39.04
N SER A 78 22.35 -13.70 37.97
CA SER A 78 21.15 -13.33 37.16
C SER A 78 21.57 -12.92 35.74
N THR A 79 20.58 -12.78 34.86
CA THR A 79 20.77 -12.21 33.50
C THR A 79 20.06 -10.85 33.44
N GLN A 80 20.74 -9.81 32.97
CA GLN A 80 20.18 -8.45 32.80
C GLN A 80 19.75 -8.29 31.34
N LEU A 81 18.49 -7.87 31.10
CA LEU A 81 17.92 -7.76 29.76
C LEU A 81 17.48 -6.33 29.53
N TRP A 82 18.04 -5.68 28.53
CA TRP A 82 17.67 -4.30 28.17
C TRP A 82 17.16 -4.28 26.73
N LEU A 83 16.16 -3.47 26.45
CA LEU A 83 15.76 -3.09 25.08
C LEU A 83 16.00 -1.59 24.97
N ILE A 84 16.76 -1.19 23.96
CA ILE A 84 17.10 0.24 23.74
C ILE A 84 16.43 0.70 22.46
N THR A 85 15.71 1.82 22.57
CA THR A 85 14.95 2.41 21.46
C THR A 85 15.15 3.91 21.39
N HIS A 86 14.63 4.51 20.34
CA HIS A 86 14.40 5.97 20.27
C HIS A 86 13.70 6.42 21.55
N TYR A 87 13.94 7.66 21.94
CA TYR A 87 13.31 8.31 23.10
C TYR A 87 12.36 9.40 22.60
N HIS A 88 11.12 9.31 23.02
CA HIS A 88 10.10 10.33 22.70
C HIS A 88 9.76 11.14 23.97
N GLU A 89 10.32 12.35 24.04
CA GLU A 89 10.24 13.09 25.31
C GLU A 89 8.81 13.47 25.72
N MET A 90 7.86 13.55 24.77
N MET A 90 7.85 13.51 24.79
CA MET A 90 6.45 13.91 25.10
CA MET A 90 6.45 13.89 25.12
C MET A 90 5.81 12.77 25.88
C MET A 90 5.70 12.72 25.75
N GLY A 91 6.33 11.53 25.81
CA GLY A 91 5.81 10.39 26.55
C GLY A 91 4.65 9.70 25.83
N SER A 92 3.87 8.92 26.55
CA SER A 92 2.83 8.09 25.94
C SER A 92 1.60 8.93 25.61
N LEU A 93 0.82 8.42 24.68
CA LEU A 93 -0.50 9.04 24.34
C LEU A 93 -1.39 9.09 25.58
N TYR A 94 -1.38 8.06 26.41
CA TYR A 94 -2.11 8.04 27.68
C TYR A 94 -1.73 9.27 28.53
N ASP A 95 -0.45 9.54 28.74
N ASP A 95 -0.41 9.51 28.66
CA ASP A 95 -0.07 10.71 29.58
CA ASP A 95 0.18 10.64 29.45
C ASP A 95 -0.41 12.01 28.84
C ASP A 95 -0.29 11.96 28.85
N TYR A 96 -0.18 12.06 27.53
CA TYR A 96 -0.38 13.30 26.75
C TYR A 96 -1.86 13.69 26.85
N LEU A 97 -2.76 12.70 26.76
CA LEU A 97 -4.21 13.05 26.73
C LEU A 97 -4.70 13.53 28.11
N GLN A 98 -3.97 13.30 29.20
CA GLN A 98 -4.48 13.64 30.56
C GLN A 98 -4.72 15.15 30.72
N LEU A 99 -3.79 15.95 30.24
CA LEU A 99 -3.69 17.43 30.37
C LEU A 99 -4.11 18.12 29.06
N THR A 100 -3.74 17.55 27.89
CA THR A 100 -3.87 18.23 26.60
C THR A 100 -5.25 17.99 25.99
N THR A 101 -5.84 19.02 25.41
CA THR A 101 -6.98 18.90 24.46
C THR A 101 -6.46 19.07 23.03
N LEU A 102 -7.27 18.65 22.07
CA LEU A 102 -6.91 18.52 20.65
C LEU A 102 -7.83 19.35 19.78
N ASP A 103 -7.36 19.74 18.61
CA ASP A 103 -8.20 20.33 17.56
C ASP A 103 -8.36 19.26 16.51
N THR A 104 -9.13 19.54 15.49
CA THR A 104 -9.43 18.56 14.44
C THR A 104 -8.13 18.07 13.80
N VAL A 105 -7.22 18.99 13.46
CA VAL A 105 -5.97 18.57 12.77
C VAL A 105 -5.16 17.65 13.67
N SER A 106 -5.00 18.00 14.94
N SER A 106 -4.96 17.97 14.93
CA SER A 106 -4.13 17.26 15.90
CA SER A 106 -4.09 17.15 15.81
C SER A 106 -4.75 15.90 16.25
C SER A 106 -4.78 15.81 16.08
N CYS A 107 -6.09 15.81 16.29
CA CYS A 107 -6.81 14.55 16.55
C CYS A 107 -6.62 13.62 15.37
N LEU A 108 -6.89 14.09 14.16
CA LEU A 108 -6.75 13.25 12.95
C LEU A 108 -5.29 12.80 12.79
N ARG A 109 -4.36 13.69 13.03
CA ARG A 109 -2.93 13.34 12.82
C ARG A 109 -2.54 12.19 13.75
N ILE A 110 -2.96 12.27 15.00
CA ILE A 110 -2.70 11.22 16.00
C ILE A 110 -3.30 9.90 15.50
N VAL A 111 -4.60 9.89 15.18
CA VAL A 111 -5.25 8.59 14.90
C VAL A 111 -4.79 8.03 13.57
N LEU A 112 -4.62 8.85 12.55
CA LEU A 112 -4.12 8.34 11.27
C LEU A 112 -2.68 7.84 11.42
N SER A 113 -1.85 8.46 12.25
CA SER A 113 -0.45 7.94 12.41
C SER A 113 -0.53 6.56 13.08
N ILE A 114 -1.44 6.41 14.06
CA ILE A 114 -1.56 5.07 14.71
C ILE A 114 -2.00 4.03 13.69
N ALA A 115 -3.06 4.32 12.93
CA ALA A 115 -3.59 3.43 11.87
C ALA A 115 -2.47 3.06 10.90
N SER A 116 -1.64 4.02 10.58
N SER A 116 -1.62 4.03 10.56
CA SER A 116 -0.51 3.83 9.65
CA SER A 116 -0.49 3.82 9.61
C SER A 116 0.47 2.80 10.24
C SER A 116 0.50 2.83 10.21
N GLY A 117 0.90 3.02 11.48
CA GLY A 117 1.78 2.07 12.16
C GLY A 117 1.14 0.69 12.24
N LEU A 118 -0.15 0.64 12.55
CA LEU A 118 -0.83 -0.66 12.70
C LEU A 118 -0.96 -1.38 11.35
N ALA A 119 -1.32 -0.66 10.27
CA ALA A 119 -1.40 -1.30 8.94
C ALA A 119 -0.03 -1.78 8.53
N HIS A 120 1.03 -1.08 8.89
CA HIS A 120 2.40 -1.54 8.55
C HIS A 120 2.70 -2.85 9.28
N LEU A 121 2.35 -2.95 10.55
CA LEU A 121 2.50 -4.23 11.27
C LEU A 121 1.72 -5.31 10.54
N HIS A 122 0.47 -5.07 10.22
CA HIS A 122 -0.47 -6.10 9.75
C HIS A 122 -0.07 -6.66 8.38
N ILE A 123 0.58 -5.88 7.51
CA ILE A 123 0.71 -6.23 6.08
C ILE A 123 1.92 -7.13 5.88
N GLU A 124 1.75 -8.22 5.17
CA GLU A 124 2.92 -9.00 4.71
C GLU A 124 3.47 -8.36 3.44
N ILE A 125 4.78 -8.13 3.39
CA ILE A 125 5.47 -7.57 2.19
C ILE A 125 6.40 -8.69 1.74
N PHE A 126 6.34 -9.06 0.45
N PHE A 126 6.32 -9.08 0.45
CA PHE A 126 7.12 -10.20 -0.11
CA PHE A 126 7.17 -10.15 -0.14
C PHE A 126 8.53 -9.71 -0.49
C PHE A 126 8.60 -9.64 -0.34
N GLY A 127 9.54 -10.59 -0.32
CA GLY A 127 10.93 -10.37 -0.77
C GLY A 127 11.93 -10.67 0.34
N GLY A 130 11.25 -7.16 2.57
CA GLY A 130 9.85 -7.32 3.00
C GLY A 130 9.70 -7.59 4.48
N LYS A 131 8.57 -8.19 4.88
CA LYS A 131 8.24 -8.45 6.31
C LYS A 131 7.12 -9.45 6.38
N PRO A 132 7.12 -10.29 7.41
CA PRO A 132 5.95 -11.09 7.71
C PRO A 132 4.85 -10.15 8.24
N ALA A 133 3.61 -10.59 8.15
CA ALA A 133 2.48 -9.95 8.84
C ALA A 133 2.70 -10.11 10.34
N ILE A 134 2.33 -9.07 11.09
CA ILE A 134 2.52 -8.98 12.55
C ILE A 134 1.23 -8.47 13.17
N ALA A 135 0.75 -9.14 14.21
CA ALA A 135 -0.30 -8.62 15.10
C ALA A 135 0.33 -8.24 16.42
N HIS A 136 -0.08 -7.12 16.99
CA HIS A 136 0.53 -6.53 18.21
C HIS A 136 0.08 -7.25 19.49
N ARG A 137 -1.23 -7.39 19.67
CA ARG A 137 -1.88 -8.14 20.77
C ARG A 137 -1.88 -7.37 22.09
N ASP A 138 -1.32 -6.16 22.20
CA ASP A 138 -1.54 -5.36 23.43
C ASP A 138 -1.60 -3.88 23.08
N LEU A 139 -2.40 -3.52 22.09
CA LEU A 139 -2.49 -2.12 21.65
C LEU A 139 -3.34 -1.39 22.67
N LYS A 140 -2.87 -0.22 23.08
CA LYS A 140 -3.54 0.64 24.08
C LYS A 140 -2.80 1.95 24.15
N SER A 141 -3.39 2.96 24.79
CA SER A 141 -2.80 4.32 24.76
C SER A 141 -1.47 4.38 25.51
N LYS A 142 -1.21 3.51 26.48
CA LYS A 142 0.12 3.48 27.15
C LYS A 142 1.19 2.88 26.24
N ASN A 143 0.82 2.18 25.18
CA ASN A 143 1.80 1.53 24.27
C ASN A 143 1.91 2.34 22.99
N ILE A 144 1.54 3.60 23.04
CA ILE A 144 1.67 4.53 21.90
C ILE A 144 2.41 5.74 22.41
N LEU A 145 3.46 6.18 21.71
CA LEU A 145 4.22 7.37 22.14
CA LEU A 145 4.23 7.36 22.13
C LEU A 145 3.89 8.54 21.21
N VAL A 146 3.97 9.73 21.76
CA VAL A 146 3.72 10.98 20.97
C VAL A 146 5.07 11.55 20.55
N LYS A 147 5.24 11.79 19.27
CA LYS A 147 6.47 12.41 18.73
C LYS A 147 6.29 13.91 18.67
N LYS A 148 7.44 14.59 18.59
CA LYS A 148 7.43 16.07 18.55
C LYS A 148 6.67 16.57 17.32
N ASN A 149 6.67 15.82 16.20
CA ASN A 149 5.98 16.30 14.97
C ASN A 149 4.48 16.03 15.00
N GLY A 150 3.93 15.57 16.13
CA GLY A 150 2.48 15.41 16.27
C GLY A 150 1.97 14.07 15.81
N GLN A 151 2.79 13.26 15.16
CA GLN A 151 2.43 11.87 14.85
C GLN A 151 2.79 10.99 16.04
N CYS A 152 2.23 9.80 16.11
CA CYS A 152 2.52 8.82 17.17
C CYS A 152 3.30 7.65 16.63
N CYS A 153 3.82 6.84 17.54
CA CYS A 153 4.41 5.53 17.14
C CYS A 153 4.00 4.46 18.14
N ILE A 154 3.85 3.26 17.62
CA ILE A 154 3.41 2.09 18.40
C ILE A 154 4.64 1.43 19.03
N ALA A 155 4.54 1.09 20.28
CA ALA A 155 5.60 0.44 21.09
C ALA A 155 5.11 -0.90 21.63
N ASP A 156 6.08 -1.70 22.04
CA ASP A 156 5.97 -2.94 22.85
C ASP A 156 5.47 -4.10 22.00
N LEU A 157 6.39 -4.82 21.39
CA LEU A 157 6.08 -6.01 20.56
C LEU A 157 6.34 -7.31 21.34
N GLY A 158 6.27 -7.23 22.67
CA GLY A 158 6.57 -8.39 23.54
C GLY A 158 5.50 -9.45 23.45
N LEU A 159 4.30 -9.14 22.92
CA LEU A 159 3.22 -10.14 22.76
C LEU A 159 2.93 -10.41 21.28
N ALA A 160 3.73 -9.79 20.39
CA ALA A 160 3.43 -9.78 18.95
C ALA A 160 3.53 -11.18 18.40
N VAL A 161 2.67 -11.47 17.43
CA VAL A 161 2.68 -12.73 16.66
C VAL A 161 2.96 -12.42 15.19
N MET A 162 3.74 -13.30 14.58
CA MET A 162 4.18 -13.18 13.18
C MET A 162 3.48 -14.24 12.35
N HIS A 163 3.13 -13.94 11.11
CA HIS A 163 2.65 -14.93 10.10
C HIS A 163 3.47 -14.85 8.79
N ASN A 175 4.85 -16.89 25.96
CA ASN A 175 4.66 -15.74 26.90
C ASN A 175 3.38 -15.99 27.72
N PRO A 176 3.49 -16.26 29.06
CA PRO A 176 2.33 -16.24 29.97
C PRO A 176 1.66 -14.87 30.15
N ARG A 177 2.32 -13.81 29.68
CA ARG A 177 1.68 -12.49 29.51
C ARG A 177 0.48 -12.66 28.60
N VAL A 178 -0.62 -11.96 28.89
CA VAL A 178 -1.77 -11.85 27.96
C VAL A 178 -2.02 -10.36 27.78
N GLY A 179 -2.92 -10.03 26.90
CA GLY A 179 -3.22 -8.63 26.65
C GLY A 179 -3.83 -7.93 27.87
N THR A 180 -3.78 -6.62 27.85
CA THR A 180 -4.43 -5.79 28.89
C THR A 180 -5.93 -6.07 28.86
N LYS A 181 -6.51 -6.49 29.97
CA LYS A 181 -7.90 -6.99 30.04
CA LYS A 181 -7.90 -7.00 30.03
C LYS A 181 -8.89 -5.92 29.57
N ARG A 182 -8.69 -4.68 29.97
CA ARG A 182 -9.63 -3.58 29.63
C ARG A 182 -9.80 -3.51 28.12
N TYR A 183 -8.76 -3.82 27.34
CA TYR A 183 -8.78 -3.66 25.87
C TYR A 183 -9.05 -4.97 25.13
N MET A 184 -9.32 -6.09 25.83
CA MET A 184 -9.54 -7.39 25.17
C MET A 184 -10.84 -7.40 24.38
N ALA A 185 -10.78 -7.90 23.15
CA ALA A 185 -11.94 -8.11 22.28
C ALA A 185 -12.86 -9.20 22.84
N PRO A 186 -14.14 -9.20 22.46
CA PRO A 186 -15.09 -10.17 22.98
C PRO A 186 -14.65 -11.63 22.80
N GLU A 187 -14.08 -11.97 21.65
CA GLU A 187 -13.66 -13.35 21.30
C GLU A 187 -12.51 -13.78 22.20
N VAL A 188 -11.72 -12.85 22.72
CA VAL A 188 -10.64 -13.18 23.70
C VAL A 188 -11.30 -13.46 25.04
N LEU A 189 -12.24 -12.63 25.44
CA LEU A 189 -12.91 -12.76 26.78
C LEU A 189 -13.78 -14.02 26.81
N ASP A 190 -14.38 -14.43 25.69
CA ASP A 190 -15.27 -15.62 25.69
C ASP A 190 -14.53 -16.84 25.15
N GLU A 191 -13.26 -16.71 24.83
CA GLU A 191 -12.33 -17.81 24.47
C GLU A 191 -12.84 -18.51 23.21
N THR A 192 -13.53 -17.80 22.32
CA THR A 192 -13.97 -18.30 21.00
C THR A 192 -12.98 -17.90 19.92
N ILE A 193 -12.01 -17.06 20.23
CA ILE A 193 -11.02 -16.65 19.20
C ILE A 193 -10.48 -17.90 18.49
N GLN A 194 -10.42 -17.84 17.17
CA GLN A 194 -9.87 -18.93 16.32
C GLN A 194 -8.34 -18.82 16.34
N VAL A 195 -7.68 -19.50 17.27
CA VAL A 195 -6.25 -19.24 17.64
C VAL A 195 -5.27 -19.66 16.55
N ASP A 196 -5.70 -20.42 15.54
CA ASP A 196 -4.83 -20.90 14.44
C ASP A 196 -5.04 -20.05 13.20
N CYS A 197 -5.81 -18.97 13.30
CA CYS A 197 -6.15 -18.12 12.14
C CYS A 197 -5.44 -16.77 12.41
N PHE A 198 -4.43 -16.43 11.60
CA PHE A 198 -3.66 -15.21 11.86
C PHE A 198 -4.61 -14.00 11.85
N ASP A 199 -5.56 -13.95 10.94
CA ASP A 199 -6.48 -12.82 10.78
C ASP A 199 -7.22 -12.60 12.11
N SER A 200 -7.38 -13.60 12.95
CA SER A 200 -8.05 -13.44 14.27
C SER A 200 -7.29 -12.39 15.09
N TYR A 201 -5.98 -12.40 14.99
CA TYR A 201 -5.17 -11.53 15.85
C TYR A 201 -5.20 -10.11 15.32
N LYS A 202 -5.28 -9.92 14.01
N LYS A 202 -5.27 -9.94 14.00
CA LYS A 202 -5.46 -8.55 13.47
CA LYS A 202 -5.46 -8.60 13.38
C LYS A 202 -6.80 -7.99 13.95
C LYS A 202 -6.77 -8.01 13.90
N ARG A 203 -7.84 -8.83 13.97
CA ARG A 203 -9.18 -8.35 14.35
C ARG A 203 -9.21 -7.97 15.84
N VAL A 204 -8.41 -8.62 16.66
CA VAL A 204 -8.26 -8.25 18.08
C VAL A 204 -7.59 -6.88 18.15
N ASP A 205 -6.59 -6.65 17.31
CA ASP A 205 -5.92 -5.33 17.33
C ASP A 205 -6.90 -4.23 16.88
N ILE A 206 -7.75 -4.52 15.90
CA ILE A 206 -8.72 -3.49 15.41
C ILE A 206 -9.68 -3.09 16.52
N TRP A 207 -10.16 -4.06 17.29
CA TRP A 207 -10.99 -3.76 18.47
C TRP A 207 -10.31 -2.76 19.39
N ALA A 208 -9.07 -3.06 19.77
CA ALA A 208 -8.27 -2.23 20.69
C ALA A 208 -8.02 -0.86 20.05
N PHE A 209 -7.76 -0.83 18.75
CA PHE A 209 -7.60 0.45 18.02
C PHE A 209 -8.86 1.31 18.15
N GLY A 210 -10.02 0.70 18.02
CA GLY A 210 -11.26 1.45 18.16
C GLY A 210 -11.40 2.08 19.55
N LEU A 211 -10.99 1.38 20.62
CA LEU A 211 -11.00 1.94 21.98
C LEU A 211 -10.03 3.12 22.06
N VAL A 212 -8.85 2.99 21.48
CA VAL A 212 -7.87 4.11 21.49
C VAL A 212 -8.49 5.31 20.74
N LEU A 213 -9.12 5.06 19.60
CA LEU A 213 -9.75 6.15 18.79
C LEU A 213 -10.74 6.87 19.70
N TRP A 214 -11.58 6.13 20.46
CA TRP A 214 -12.52 6.71 21.46
C TRP A 214 -11.80 7.55 22.49
N GLU A 215 -10.69 7.07 23.04
CA GLU A 215 -9.94 7.81 24.09
C GLU A 215 -9.47 9.16 23.54
N VAL A 216 -9.01 9.20 22.30
CA VAL A 216 -8.44 10.40 21.68
C VAL A 216 -9.57 11.36 21.31
N ALA A 217 -10.63 10.84 20.70
CA ALA A 217 -11.75 11.66 20.18
C ALA A 217 -12.38 12.43 21.34
N ARG A 218 -12.47 11.82 22.52
CA ARG A 218 -13.02 12.51 23.69
C ARG A 218 -12.28 13.83 23.97
N ARG A 219 -10.98 13.85 23.68
CA ARG A 219 -10.17 15.02 24.03
C ARG A 219 -10.14 16.04 22.90
N MET A 220 -10.85 15.83 21.81
CA MET A 220 -10.97 16.80 20.69
C MET A 220 -12.07 17.81 21.00
N VAL A 221 -11.74 19.11 20.98
CA VAL A 221 -12.72 20.18 21.33
C VAL A 221 -13.67 20.39 20.15
N SER A 222 -14.97 20.52 20.41
CA SER A 222 -15.93 21.02 19.40
C SER A 222 -16.89 21.95 20.11
N ASN A 223 -17.23 23.07 19.47
N ASN A 223 -17.14 23.11 19.52
CA ASN A 223 -18.20 24.05 20.04
CA ASN A 223 -18.20 24.01 20.03
C ASN A 223 -17.90 24.30 21.51
C ASN A 223 -17.91 24.31 21.50
N GLY A 224 -16.63 24.48 21.87
CA GLY A 224 -16.20 24.78 23.25
C GLY A 224 -16.35 23.68 24.27
N ILE A 225 -16.62 22.44 23.83
CA ILE A 225 -16.88 21.28 24.73
C ILE A 225 -15.75 20.26 24.49
N VAL A 226 -15.36 19.62 25.56
CA VAL A 226 -14.46 18.44 25.50
C VAL A 226 -14.83 17.50 26.65
N GLU A 227 -14.62 16.20 26.50
CA GLU A 227 -14.73 15.28 27.64
C GLU A 227 -13.40 15.20 28.40
N ASP A 228 -13.46 14.94 29.68
CA ASP A 228 -12.28 14.60 30.51
C ASP A 228 -11.65 13.31 29.96
N TYR A 229 -10.36 13.16 30.14
CA TYR A 229 -9.71 11.86 29.82
C TYR A 229 -10.33 10.78 30.70
N LYS A 230 -10.79 9.72 30.06
CA LYS A 230 -11.18 8.47 30.76
C LYS A 230 -10.67 7.29 29.96
N PRO A 231 -10.33 6.19 30.65
CA PRO A 231 -10.03 4.96 29.94
C PRO A 231 -11.29 4.29 29.47
N PRO A 232 -11.18 3.42 28.45
CA PRO A 232 -12.37 2.71 27.96
C PRO A 232 -13.02 1.93 29.11
N PHE A 233 -14.35 1.97 29.14
CA PHE A 233 -15.19 1.22 30.10
C PHE A 233 -15.04 1.74 31.53
N TYR A 234 -14.56 2.95 31.71
CA TYR A 234 -14.34 3.57 33.04
C TYR A 234 -15.63 3.57 33.86
N ASP A 235 -16.78 3.61 33.20
CA ASP A 235 -18.07 3.77 33.89
C ASP A 235 -18.73 2.45 34.18
N VAL A 236 -18.14 1.33 33.74
CA VAL A 236 -18.82 0.02 33.90
C VAL A 236 -17.94 -1.05 34.54
N VAL A 237 -16.63 -0.84 34.70
CA VAL A 237 -15.74 -1.83 35.37
C VAL A 237 -14.89 -1.11 36.39
N PRO A 238 -14.37 -1.85 37.39
CA PRO A 238 -13.43 -1.26 38.34
C PRO A 238 -12.07 -0.95 37.73
N ASN A 239 -11.25 -0.22 38.48
CA ASN A 239 -9.79 -0.23 38.19
C ASN A 239 -9.28 -1.66 38.24
N ASP A 240 -8.34 -2.00 37.38
CA ASP A 240 -7.75 -3.34 37.28
C ASP A 240 -8.89 -4.35 37.22
N PRO A 241 -9.76 -4.21 36.19
CA PRO A 241 -10.93 -5.07 36.07
C PRO A 241 -10.48 -6.52 35.90
N SER A 242 -11.27 -7.44 36.45
CA SER A 242 -11.03 -8.87 36.26
C SER A 242 -11.41 -9.29 34.87
N PHE A 243 -10.97 -10.45 34.46
CA PHE A 243 -11.37 -11.07 33.21
C PHE A 243 -12.87 -11.25 33.18
N GLU A 244 -13.48 -11.72 34.29
CA GLU A 244 -14.94 -11.88 34.39
C GLU A 244 -15.65 -10.53 34.28
N ASP A 245 -15.13 -9.50 34.96
CA ASP A 245 -15.74 -8.16 34.88
C ASP A 245 -15.86 -7.74 33.41
N MET A 246 -14.77 -7.91 32.68
CA MET A 246 -14.74 -7.52 31.24
C MET A 246 -15.66 -8.40 30.39
N ARG A 247 -15.66 -9.71 30.64
CA ARG A 247 -16.50 -10.64 29.88
C ARG A 247 -17.98 -10.29 30.03
N LYS A 248 -18.41 -9.96 31.24
CA LYS A 248 -19.84 -9.62 31.49
CA LYS A 248 -19.83 -9.61 31.49
C LYS A 248 -20.21 -8.35 30.70
N VAL A 249 -19.32 -7.33 30.72
CA VAL A 249 -19.63 -6.08 30.01
C VAL A 249 -19.63 -6.32 28.50
N VAL A 250 -18.54 -6.86 27.97
CA VAL A 250 -18.27 -6.88 26.52
C VAL A 250 -19.01 -8.01 25.83
N CYS A 251 -19.10 -9.17 26.46
CA CYS A 251 -19.66 -10.39 25.81
C CYS A 251 -21.12 -10.57 26.21
N VAL A 252 -21.40 -10.53 27.50
CA VAL A 252 -22.77 -10.91 27.96
C VAL A 252 -23.73 -9.75 27.68
N ASP A 253 -23.40 -8.53 28.15
CA ASP A 253 -24.29 -7.37 27.99
C ASP A 253 -24.03 -6.69 26.65
N GLN A 254 -22.86 -6.95 26.06
CA GLN A 254 -22.47 -6.38 24.73
C GLN A 254 -22.46 -4.85 24.80
N GLN A 255 -21.98 -4.29 25.90
CA GLN A 255 -21.78 -2.83 26.01
C GLN A 255 -20.61 -2.38 25.15
N ARG A 256 -20.70 -1.12 24.76
CA ARG A 256 -19.65 -0.42 23.98
C ARG A 256 -19.50 0.94 24.62
N PRO A 257 -18.33 1.58 24.45
CA PRO A 257 -18.13 2.93 24.97
C PRO A 257 -19.20 3.90 24.43
N ASN A 258 -19.68 4.78 25.28
N ASN A 258 -19.59 4.83 25.31
CA ASN A 258 -20.78 5.68 24.91
CA ASN A 258 -20.62 5.89 25.05
C ASN A 258 -20.21 6.83 24.06
C ASN A 258 -20.11 6.83 23.95
N ILE A 259 -20.97 7.20 23.03
CA ILE A 259 -20.68 8.35 22.13
C ILE A 259 -21.50 9.54 22.64
N PRO A 260 -20.86 10.60 23.15
CA PRO A 260 -21.59 11.77 23.63
C PRO A 260 -22.39 12.47 22.53
N ASN A 261 -23.53 13.04 22.91
CA ASN A 261 -24.36 13.77 21.94
C ASN A 261 -23.56 14.86 21.23
N ARG A 262 -22.69 15.56 21.95
CA ARG A 262 -21.98 16.73 21.36
C ARG A 262 -21.18 16.31 20.15
N TRP A 263 -20.75 15.05 20.06
CA TRP A 263 -19.99 14.66 18.86
C TRP A 263 -20.81 14.84 17.57
N PHE A 264 -22.15 14.68 17.63
CA PHE A 264 -23.02 14.65 16.45
C PHE A 264 -23.24 16.09 15.91
N SER A 265 -22.76 17.12 16.59
CA SER A 265 -22.72 18.49 16.02
C SER A 265 -21.44 18.72 15.25
N ASP A 266 -20.45 17.81 15.35
CA ASP A 266 -19.12 18.04 14.71
C ASP A 266 -18.89 17.03 13.59
N PRO A 267 -18.59 17.42 12.34
CA PRO A 267 -18.48 16.45 11.25
C PRO A 267 -17.33 15.47 11.51
N THR A 268 -16.20 15.93 12.07
CA THR A 268 -15.04 15.05 12.34
C THR A 268 -15.43 13.99 13.37
N LEU A 269 -15.99 14.41 14.48
CA LEU A 269 -16.35 13.43 15.54
C LEU A 269 -17.50 12.53 15.10
N THR A 270 -18.39 13.02 14.25
CA THR A 270 -19.47 12.17 13.69
C THR A 270 -18.84 11.05 12.87
N SER A 271 -17.86 11.37 12.02
CA SER A 271 -17.18 10.38 11.16
C SER A 271 -16.37 9.42 12.05
N LEU A 272 -15.72 9.94 13.09
CA LEU A 272 -14.90 9.09 13.99
C LEU A 272 -15.81 8.13 14.78
N ALA A 273 -16.97 8.59 15.22
CA ALA A 273 -17.95 7.68 15.90
C ALA A 273 -18.32 6.51 15.00
N LYS A 274 -18.58 6.76 13.73
CA LYS A 274 -18.92 5.71 12.76
C LYS A 274 -17.75 4.74 12.64
N LEU A 275 -16.54 5.30 12.57
CA LEU A 275 -15.32 4.45 12.44
C LEU A 275 -15.19 3.54 13.65
N MET A 276 -15.33 4.09 14.84
CA MET A 276 -15.26 3.30 16.12
C MET A 276 -16.24 2.15 16.06
N LYS A 277 -17.48 2.43 15.73
CA LYS A 277 -18.55 1.43 15.64
C LYS A 277 -18.09 0.26 14.79
N GLU A 278 -17.39 0.53 13.69
N GLU A 278 -17.40 0.55 13.68
CA GLU A 278 -17.01 -0.53 12.74
CA GLU A 278 -17.00 -0.46 12.69
C GLU A 278 -15.73 -1.24 13.18
C GLU A 278 -15.70 -1.17 13.14
N CYS A 279 -15.14 -0.79 14.28
CA CYS A 279 -14.04 -1.54 14.95
C CYS A 279 -14.58 -2.44 16.06
N TRP A 280 -15.85 -2.29 16.43
CA TRP A 280 -16.42 -2.91 17.66
C TRP A 280 -17.49 -3.94 17.37
N TYR A 281 -17.66 -4.38 16.13
CA TYR A 281 -18.62 -5.47 15.86
C TYR A 281 -18.29 -6.68 16.72
N GLN A 282 -19.34 -7.34 17.25
CA GLN A 282 -19.20 -8.64 17.94
CA GLN A 282 -19.17 -8.63 17.98
C GLN A 282 -18.49 -9.64 17.03
N ASN A 283 -18.94 -9.72 15.78
CA ASN A 283 -18.42 -10.63 14.75
C ASN A 283 -17.07 -10.06 14.32
N PRO A 284 -15.95 -10.71 14.67
CA PRO A 284 -14.64 -10.16 14.34
C PRO A 284 -14.47 -9.91 12.84
N SER A 285 -15.06 -10.79 11.99
CA SER A 285 -14.84 -10.72 10.53
C SER A 285 -15.59 -9.52 9.94
N ALA A 286 -16.48 -8.84 10.69
CA ALA A 286 -17.20 -7.63 10.21
C ALA A 286 -16.37 -6.36 10.43
N ARG A 287 -15.33 -6.45 11.25
CA ARG A 287 -14.56 -5.25 11.64
C ARG A 287 -13.77 -4.76 10.42
N LEU A 288 -13.59 -3.45 10.38
CA LEU A 288 -12.76 -2.81 9.32
C LEU A 288 -11.32 -3.30 9.45
N THR A 289 -10.58 -3.26 8.35
CA THR A 289 -9.13 -3.52 8.30
C THR A 289 -8.39 -2.23 8.58
N ALA A 290 -7.12 -2.32 9.03
CA ALA A 290 -6.33 -1.11 9.30
C ALA A 290 -6.20 -0.30 8.00
N LEU A 291 -6.03 -0.96 6.86
CA LEU A 291 -5.96 -0.21 5.57
C LEU A 291 -7.26 0.52 5.30
N ARG A 292 -8.43 -0.08 5.53
CA ARG A 292 -9.70 0.64 5.32
C ARG A 292 -9.83 1.81 6.32
N ILE A 293 -9.39 1.65 7.57
CA ILE A 293 -9.41 2.76 8.56
C ILE A 293 -8.53 3.90 8.04
N LYS A 294 -7.33 3.60 7.51
CA LYS A 294 -6.49 4.69 6.95
C LYS A 294 -7.23 5.44 5.86
N LYS A 295 -7.78 4.74 4.89
CA LYS A 295 -8.45 5.43 3.78
C LYS A 295 -9.55 6.32 4.38
N THR A 296 -10.39 5.79 5.28
CA THR A 296 -11.50 6.58 5.84
C THR A 296 -10.96 7.83 6.53
N LEU A 297 -9.88 7.71 7.29
CA LEU A 297 -9.28 8.85 8.01
C LEU A 297 -8.73 9.87 7.00
N THR A 298 -8.20 9.45 5.87
CA THR A 298 -7.68 10.39 4.85
C THR A 298 -8.81 11.18 4.18
N LYS A 299 -10.04 10.72 4.24
CA LYS A 299 -11.17 11.41 3.58
C LYS A 299 -11.88 12.29 4.60
N ILE A 300 -11.51 12.25 5.88
CA ILE A 300 -12.17 13.08 6.93
C ILE A 300 -11.45 14.42 6.94
N ASP A 301 -12.20 15.48 6.67
CA ASP A 301 -11.81 16.91 6.79
C ASP A 301 -11.02 17.34 5.56
N ALA B 7 14.80 -23.69 -38.91
CA ALA B 7 15.75 -22.55 -38.68
C ALA B 7 15.40 -21.87 -37.36
N ARG B 8 16.05 -22.30 -36.29
CA ARG B 8 15.73 -21.91 -34.88
C ARG B 8 16.77 -20.91 -34.32
N ASP B 9 17.98 -20.82 -34.90
N ASP B 9 17.86 -20.69 -35.06
CA ASP B 9 19.06 -20.09 -34.19
CA ASP B 9 19.07 -20.01 -34.52
C ASP B 9 18.91 -18.58 -34.37
C ASP B 9 18.88 -18.49 -34.43
N ILE B 10 19.56 -17.86 -33.45
CA ILE B 10 19.37 -16.41 -33.17
C ILE B 10 20.74 -15.79 -32.99
N THR B 11 20.96 -14.62 -33.57
CA THR B 11 22.18 -13.85 -33.32
C THR B 11 21.81 -12.61 -32.50
N LEU B 12 22.44 -12.42 -31.35
CA LEU B 12 22.22 -11.22 -30.51
C LEU B 12 23.14 -10.11 -31.03
N LEU B 13 22.57 -9.01 -31.50
CA LEU B 13 23.35 -7.96 -32.22
C LEU B 13 23.61 -6.74 -31.34
N GLU B 14 22.67 -6.34 -30.50
CA GLU B 14 22.74 -5.04 -29.79
C GLU B 14 21.83 -5.06 -28.56
N CYS B 15 22.34 -4.64 -27.42
CA CYS B 15 21.51 -4.50 -26.20
C CYS B 15 20.78 -3.17 -26.29
N VAL B 16 19.44 -3.18 -26.35
CA VAL B 16 18.60 -1.95 -26.46
C VAL B 16 18.04 -1.53 -25.10
N GLY B 17 18.36 -2.25 -24.04
CA GLY B 17 17.77 -1.98 -22.72
C GLY B 17 18.29 -2.95 -21.67
N LYS B 18 18.67 -2.42 -20.51
CA LYS B 18 19.11 -3.16 -19.32
C LYS B 18 18.44 -2.45 -18.16
N GLY B 19 17.84 -3.19 -17.22
CA GLY B 19 17.25 -2.61 -16.01
C GLY B 19 16.89 -3.72 -15.04
N ARG B 20 15.95 -3.45 -14.13
CA ARG B 20 15.45 -4.46 -13.14
C ARG B 20 14.73 -5.61 -13.88
N TYR B 21 14.05 -5.32 -15.00
CA TYR B 21 13.35 -6.28 -15.91
C TYR B 21 14.31 -7.31 -16.55
N GLY B 22 15.63 -7.18 -16.41
CA GLY B 22 16.58 -7.97 -17.20
C GLY B 22 17.16 -7.13 -18.32
N GLU B 23 17.24 -7.68 -19.52
CA GLU B 23 17.88 -7.02 -20.68
C GLU B 23 17.03 -7.32 -21.90
N VAL B 24 16.96 -6.42 -22.85
CA VAL B 24 16.38 -6.73 -24.16
C VAL B 24 17.46 -6.51 -25.21
N TRP B 25 17.53 -7.44 -26.13
CA TRP B 25 18.47 -7.42 -27.28
C TRP B 25 17.70 -7.32 -28.58
N ARG B 26 18.24 -6.54 -29.49
CA ARG B 26 17.91 -6.68 -30.91
C ARG B 26 18.73 -7.87 -31.43
N GLY B 27 18.06 -8.83 -32.02
CA GLY B 27 18.73 -10.00 -32.60
C GLY B 27 18.25 -10.26 -34.00
N SER B 28 18.88 -11.21 -34.68
CA SER B 28 18.48 -11.65 -36.01
C SER B 28 18.07 -13.10 -35.98
N TRP B 29 16.94 -13.42 -36.63
N TRP B 29 16.96 -13.46 -36.63
CA TRP B 29 16.27 -14.76 -36.68
CA TRP B 29 16.49 -14.87 -36.67
C TRP B 29 15.69 -14.96 -38.07
C TRP B 29 15.65 -15.07 -37.94
N GLN B 30 16.06 -16.06 -38.76
CA GLN B 30 15.56 -16.33 -40.13
C GLN B 30 15.55 -15.01 -40.92
N GLY B 31 16.65 -14.27 -40.92
CA GLY B 31 16.85 -13.04 -41.73
C GLY B 31 16.05 -11.82 -41.25
N GLU B 32 15.35 -11.91 -40.11
CA GLU B 32 14.47 -10.83 -39.58
C GLU B 32 15.02 -10.31 -38.24
N ASN B 33 14.82 -9.04 -37.93
CA ASN B 33 15.10 -8.51 -36.57
C ASN B 33 14.07 -9.15 -35.65
N VAL B 34 14.54 -9.52 -34.48
CA VAL B 34 13.64 -9.98 -33.39
C VAL B 34 14.10 -9.29 -32.13
N ALA B 35 13.22 -9.24 -31.13
CA ALA B 35 13.56 -8.78 -29.79
C ALA B 35 13.72 -9.99 -28.88
N VAL B 36 14.79 -10.01 -28.13
CA VAL B 36 15.09 -11.12 -27.20
C VAL B 36 15.22 -10.53 -25.81
N LYS B 37 14.24 -10.84 -24.96
CA LYS B 37 14.28 -10.43 -23.54
C LYS B 37 14.87 -11.58 -22.71
N ILE B 38 15.87 -11.26 -21.94
CA ILE B 38 16.47 -12.18 -20.95
C ILE B 38 16.09 -11.66 -19.57
N PHE B 39 15.28 -12.43 -18.85
CA PHE B 39 14.70 -11.96 -17.58
C PHE B 39 15.75 -12.02 -16.50
N SER B 40 15.63 -11.14 -15.52
CA SER B 40 16.45 -11.27 -14.31
C SER B 40 15.94 -12.47 -13.53
N SER B 41 16.85 -13.16 -12.87
CA SER B 41 16.49 -14.44 -12.22
C SER B 41 15.49 -14.19 -11.09
N ARG B 42 15.41 -12.94 -10.63
CA ARG B 42 14.54 -12.41 -9.55
C ARG B 42 13.10 -12.25 -10.06
N ASP B 43 12.92 -12.24 -11.38
CA ASP B 43 11.63 -11.94 -12.02
C ASP B 43 11.09 -13.17 -12.78
N GLU B 44 11.44 -14.35 -12.30
CA GLU B 44 11.10 -15.61 -13.01
C GLU B 44 9.59 -15.76 -13.09
N LYS B 45 8.81 -15.21 -12.13
CA LYS B 45 7.36 -15.42 -12.13
C LYS B 45 6.74 -14.60 -13.27
N SER B 46 7.35 -13.48 -13.62
CA SER B 46 6.88 -12.69 -14.79
C SER B 46 7.10 -13.52 -16.07
N TRP B 47 8.26 -14.12 -16.24
CA TRP B 47 8.52 -14.89 -17.46
C TRP B 47 7.43 -15.97 -17.60
N PHE B 48 7.15 -16.69 -16.52
CA PHE B 48 6.19 -17.81 -16.58
C PHE B 48 4.80 -17.29 -16.91
N ARG B 49 4.39 -16.19 -16.29
CA ARG B 49 3.08 -15.60 -16.54
C ARG B 49 2.95 -15.14 -18.01
N GLU B 50 3.98 -14.50 -18.56
CA GLU B 50 3.93 -14.05 -19.96
C GLU B 50 3.80 -15.25 -20.86
N THR B 51 4.46 -16.35 -20.48
CA THR B 51 4.42 -17.61 -21.26
C THR B 51 3.01 -18.19 -21.24
N GLU B 52 2.36 -18.21 -20.09
CA GLU B 52 0.96 -18.69 -19.96
C GLU B 52 0.10 -17.83 -20.87
N LEU B 53 0.33 -16.51 -20.88
CA LEU B 53 -0.55 -15.61 -21.66
C LEU B 53 -0.35 -15.85 -23.17
N TYR B 54 0.89 -15.94 -23.61
CA TYR B 54 1.14 -16.10 -25.06
C TYR B 54 0.85 -17.51 -25.57
N ASN B 55 0.57 -18.47 -24.69
CA ASN B 55 0.06 -19.79 -25.11
C ASN B 55 -1.25 -19.62 -25.91
N THR B 56 -1.98 -18.54 -25.66
CA THR B 56 -3.34 -18.34 -26.22
C THR B 56 -3.23 -17.83 -27.66
N VAL B 57 -3.54 -18.68 -28.62
CA VAL B 57 -3.46 -18.31 -30.06
C VAL B 57 -4.32 -17.07 -30.31
N MET B 58 -5.51 -16.98 -29.72
CA MET B 58 -6.42 -15.84 -30.03
C MET B 58 -6.04 -14.54 -29.27
N LEU B 59 -4.95 -14.53 -28.52
CA LEU B 59 -4.39 -13.25 -28.01
C LEU B 59 -3.89 -12.41 -29.20
N ARG B 60 -3.46 -13.04 -30.28
CA ARG B 60 -2.81 -12.34 -31.42
C ARG B 60 -3.66 -11.16 -31.91
N HIS B 61 -3.00 -10.02 -32.04
CA HIS B 61 -3.72 -8.77 -32.35
C HIS B 61 -2.69 -7.76 -32.81
N GLU B 62 -3.09 -6.92 -33.76
CA GLU B 62 -2.17 -5.91 -34.32
C GLU B 62 -1.67 -4.95 -33.22
N ASN B 63 -2.39 -4.77 -32.14
CA ASN B 63 -1.97 -3.80 -31.09
C ASN B 63 -1.51 -4.57 -29.81
N ILE B 64 -1.09 -5.83 -29.93
CA ILE B 64 -0.42 -6.60 -28.83
C ILE B 64 0.92 -7.06 -29.38
N LEU B 65 2.00 -6.83 -28.66
CA LEU B 65 3.34 -7.26 -29.08
C LEU B 65 3.34 -8.73 -29.53
N GLY B 66 3.75 -8.98 -30.77
CA GLY B 66 3.70 -10.32 -31.37
C GLY B 66 4.76 -11.25 -30.81
N PHE B 67 4.32 -12.43 -30.43
CA PHE B 67 5.12 -13.49 -29.79
C PHE B 67 5.73 -14.43 -30.84
N ILE B 68 6.98 -14.79 -30.66
CA ILE B 68 7.65 -15.81 -31.49
C ILE B 68 7.92 -17.05 -30.62
N ALA B 69 8.60 -16.93 -29.48
CA ALA B 69 8.95 -18.12 -28.67
C ALA B 69 9.24 -17.68 -27.23
N SER B 70 9.20 -18.65 -26.33
CA SER B 70 9.57 -18.51 -24.93
C SER B 70 10.42 -19.72 -24.57
N ASP B 71 11.48 -19.50 -23.83
CA ASP B 71 12.38 -20.62 -23.48
C ASP B 71 12.83 -20.47 -22.05
N MET B 72 12.91 -21.62 -21.39
CA MET B 72 13.67 -21.74 -20.14
C MET B 72 14.82 -22.72 -20.42
N THR B 73 16.06 -22.31 -20.20
CA THR B 73 17.23 -23.15 -20.50
C THR B 73 18.06 -23.26 -19.24
N SER B 74 18.67 -24.42 -19.02
CA SER B 74 19.51 -24.58 -17.82
C SER B 74 20.57 -25.66 -18.02
N ARG B 75 21.75 -25.37 -17.47
CA ARG B 75 22.79 -26.37 -17.22
C ARG B 75 23.28 -26.14 -15.80
N HIS B 76 23.52 -27.20 -15.06
CA HIS B 76 23.97 -27.12 -13.66
C HIS B 76 23.00 -26.21 -12.88
N SER B 77 23.48 -25.22 -12.17
CA SER B 77 22.60 -24.39 -11.33
C SER B 77 22.19 -23.08 -12.00
N SER B 78 22.53 -22.87 -13.26
CA SER B 78 22.30 -21.61 -14.01
C SER B 78 21.02 -21.80 -14.86
N THR B 79 20.05 -20.89 -14.76
CA THR B 79 18.83 -20.90 -15.59
C THR B 79 18.73 -19.58 -16.36
N GLN B 80 18.46 -19.66 -17.65
CA GLN B 80 18.13 -18.47 -18.46
C GLN B 80 16.66 -18.55 -18.88
N LEU B 81 16.02 -17.39 -18.84
CA LEU B 81 14.62 -17.23 -19.21
C LEU B 81 14.55 -16.23 -20.35
N TRP B 82 14.05 -16.68 -21.48
CA TRP B 82 14.04 -15.94 -22.77
C TRP B 82 12.61 -15.70 -23.22
N LEU B 83 12.30 -14.50 -23.71
CA LEU B 83 11.08 -14.24 -24.49
C LEU B 83 11.51 -13.61 -25.81
N ILE B 84 11.03 -14.17 -26.90
CA ILE B 84 11.41 -13.70 -28.27
C ILE B 84 10.15 -13.15 -28.92
N THR B 85 10.19 -11.88 -29.34
CA THR B 85 9.03 -11.22 -29.94
C THR B 85 9.42 -10.53 -31.24
N HIS B 86 8.44 -9.94 -31.88
CA HIS B 86 8.67 -8.91 -32.91
C HIS B 86 9.55 -7.80 -32.36
N TYR B 87 10.31 -7.14 -33.24
CA TYR B 87 11.19 -6.01 -32.89
C TYR B 87 10.59 -4.76 -33.51
N HIS B 88 10.39 -3.71 -32.73
CA HIS B 88 9.86 -2.40 -33.20
C HIS B 88 10.98 -1.38 -33.06
N GLU B 89 11.63 -1.04 -34.19
CA GLU B 89 12.90 -0.28 -34.09
C GLU B 89 12.62 1.17 -33.69
N MET B 90 11.38 1.64 -33.79
CA MET B 90 11.04 2.99 -33.28
C MET B 90 10.98 3.01 -31.76
N GLY B 91 11.02 1.84 -31.09
CA GLY B 91 11.13 1.86 -29.64
C GLY B 91 9.80 2.04 -28.94
N SER B 92 9.85 2.44 -27.67
CA SER B 92 8.59 2.60 -26.88
C SER B 92 7.95 3.95 -27.18
N LEU B 93 6.68 4.07 -26.83
CA LEU B 93 5.97 5.37 -26.88
C LEU B 93 6.68 6.37 -25.99
N TYR B 94 7.21 5.95 -24.85
CA TYR B 94 7.97 6.83 -23.95
C TYR B 94 9.15 7.43 -24.72
N ASP B 95 9.87 6.59 -25.43
CA ASP B 95 11.04 7.06 -26.23
C ASP B 95 10.56 8.04 -27.30
N TYR B 96 9.54 7.67 -28.03
CA TYR B 96 9.02 8.40 -29.21
C TYR B 96 8.59 9.80 -28.79
N LEU B 97 7.81 9.90 -27.71
CA LEU B 97 7.26 11.19 -27.26
C LEU B 97 8.36 12.15 -26.82
N GLN B 98 9.57 11.69 -26.52
CA GLN B 98 10.62 12.58 -25.99
C GLN B 98 11.01 13.54 -27.10
N LEU B 99 10.98 13.07 -28.33
CA LEU B 99 11.73 13.65 -29.48
C LEU B 99 10.80 14.09 -30.61
N THR B 100 9.49 13.86 -30.53
CA THR B 100 8.61 14.24 -31.65
C THR B 100 7.35 14.84 -31.05
N THR B 101 6.80 15.79 -31.77
CA THR B 101 5.44 16.32 -31.53
C THR B 101 4.47 15.64 -32.50
N LEU B 102 3.20 15.75 -32.19
CA LEU B 102 2.11 15.06 -32.89
C LEU B 102 1.15 16.07 -33.51
N ASP B 103 0.56 15.70 -34.62
CA ASP B 103 -0.62 16.42 -35.12
C ASP B 103 -1.86 15.66 -34.65
N THR B 104 -3.03 16.16 -34.99
CA THR B 104 -4.30 15.59 -34.53
C THR B 104 -4.39 14.13 -35.00
N VAL B 105 -4.10 13.89 -36.27
CA VAL B 105 -4.24 12.57 -36.90
C VAL B 105 -3.34 11.55 -36.20
N SER B 106 -2.11 11.91 -35.93
N SER B 106 -2.10 11.94 -35.92
CA SER B 106 -1.14 10.99 -35.29
CA SER B 106 -1.05 11.06 -35.33
C SER B 106 -1.54 10.78 -33.82
C SER B 106 -1.29 10.86 -33.82
N CYS B 107 -1.89 11.85 -33.13
CA CYS B 107 -2.27 11.72 -31.71
C CYS B 107 -3.44 10.73 -31.61
N LEU B 108 -4.48 10.90 -32.40
CA LEU B 108 -5.67 10.02 -32.32
C LEU B 108 -5.31 8.59 -32.78
N ARG B 109 -4.50 8.45 -33.80
CA ARG B 109 -4.08 7.11 -34.28
C ARG B 109 -3.40 6.37 -33.13
N ILE B 110 -2.48 7.04 -32.44
CA ILE B 110 -1.74 6.39 -31.33
C ILE B 110 -2.74 5.99 -30.25
N VAL B 111 -3.53 6.92 -29.80
CA VAL B 111 -4.36 6.60 -28.59
C VAL B 111 -5.47 5.61 -28.94
N LEU B 112 -6.06 5.68 -30.13
CA LEU B 112 -7.07 4.70 -30.52
C LEU B 112 -6.41 3.33 -30.63
N SER B 113 -5.18 3.25 -31.12
CA SER B 113 -4.54 1.91 -31.27
C SER B 113 -4.35 1.28 -29.88
N ILE B 114 -3.96 2.12 -28.90
CA ILE B 114 -3.74 1.59 -27.53
C ILE B 114 -5.08 1.19 -26.94
N ALA B 115 -6.14 1.95 -27.18
CA ALA B 115 -7.49 1.60 -26.69
C ALA B 115 -7.95 0.29 -27.34
N SER B 116 -7.64 0.07 -28.61
N SER B 116 -7.64 0.13 -28.61
CA SER B 116 -8.05 -1.17 -29.32
CA SER B 116 -7.98 -1.06 -29.41
C SER B 116 -7.28 -2.37 -28.77
C SER B 116 -7.30 -2.28 -28.78
N GLY B 117 -5.99 -2.21 -28.52
CA GLY B 117 -5.23 -3.26 -27.82
C GLY B 117 -5.84 -3.58 -26.46
N LEU B 118 -6.17 -2.55 -25.71
CA LEU B 118 -6.62 -2.76 -24.32
C LEU B 118 -8.02 -3.37 -24.31
N ALA B 119 -8.92 -2.93 -25.18
CA ALA B 119 -10.25 -3.52 -25.29
C ALA B 119 -10.13 -4.97 -25.71
N HIS B 120 -9.19 -5.29 -26.59
CA HIS B 120 -8.94 -6.65 -27.04
C HIS B 120 -8.51 -7.49 -25.83
N LEU B 121 -7.62 -6.96 -25.02
CA LEU B 121 -7.21 -7.70 -23.79
C LEU B 121 -8.44 -7.91 -22.89
N HIS B 122 -9.19 -6.84 -22.61
CA HIS B 122 -10.22 -6.89 -21.53
C HIS B 122 -11.38 -7.78 -21.94
N ILE B 123 -11.66 -7.91 -23.24
CA ILE B 123 -12.93 -8.59 -23.68
C ILE B 123 -12.60 -10.05 -23.96
N GLU B 124 -13.36 -10.93 -23.33
CA GLU B 124 -13.27 -12.40 -23.52
C GLU B 124 -13.74 -12.77 -24.94
N ILE B 125 -13.04 -13.68 -25.58
CA ILE B 125 -13.40 -14.32 -26.88
C ILE B 125 -13.82 -15.75 -26.55
N PHE B 126 -15.05 -16.09 -26.96
CA PHE B 126 -15.69 -17.40 -26.62
C PHE B 126 -15.46 -18.44 -27.72
N GLY B 130 -10.42 -19.76 -28.16
CA GLY B 130 -10.87 -18.69 -27.23
C GLY B 130 -9.74 -17.88 -26.63
N LYS B 131 -10.07 -16.77 -25.97
CA LYS B 131 -9.10 -15.95 -25.20
C LYS B 131 -9.83 -15.51 -23.96
N PRO B 132 -9.28 -15.73 -22.78
CA PRO B 132 -9.91 -15.23 -21.56
C PRO B 132 -9.92 -13.69 -21.58
N ALA B 133 -10.76 -13.09 -20.74
CA ALA B 133 -10.60 -11.65 -20.40
C ALA B 133 -9.24 -11.50 -19.70
N ILE B 134 -8.51 -10.42 -20.00
CA ILE B 134 -7.13 -10.20 -19.50
C ILE B 134 -7.03 -8.75 -19.03
N ALA B 135 -6.58 -8.53 -17.81
CA ALA B 135 -6.15 -7.22 -17.31
C ALA B 135 -4.64 -7.19 -17.22
N HIS B 136 -4.04 -6.12 -17.71
CA HIS B 136 -2.59 -6.02 -17.91
C HIS B 136 -1.82 -5.79 -16.58
N ARG B 137 -2.24 -4.77 -15.82
CA ARG B 137 -1.75 -4.40 -14.47
C ARG B 137 -0.45 -3.63 -14.50
N ASP B 138 0.19 -3.42 -15.66
CA ASP B 138 1.40 -2.56 -15.69
C ASP B 138 1.43 -1.70 -16.95
N LEU B 139 0.30 -1.09 -17.28
CA LEU B 139 0.21 -0.30 -18.52
C LEU B 139 0.99 1.00 -18.26
N LYS B 140 1.87 1.37 -19.19
CA LYS B 140 2.63 2.63 -19.11
C LYS B 140 3.27 2.87 -20.46
N SER B 141 3.83 4.08 -20.67
CA SER B 141 4.33 4.42 -22.01
C SER B 141 5.58 3.59 -22.36
N LYS B 142 6.35 3.09 -21.39
CA LYS B 142 7.50 2.21 -21.71
C LYS B 142 7.05 0.80 -22.11
N ASN B 143 5.83 0.44 -21.81
CA ASN B 143 5.28 -0.89 -22.17
C ASN B 143 4.38 -0.83 -23.39
N ILE B 144 4.50 0.25 -24.16
CA ILE B 144 3.79 0.42 -25.45
C ILE B 144 4.86 0.67 -26.51
N LEU B 145 4.82 -0.08 -27.59
CA LEU B 145 5.80 0.09 -28.69
C LEU B 145 5.13 0.80 -29.86
N VAL B 146 5.94 1.60 -30.55
CA VAL B 146 5.48 2.36 -31.75
C VAL B 146 5.87 1.58 -33.00
N LYS B 147 4.90 1.36 -33.86
CA LYS B 147 5.06 0.60 -35.10
C LYS B 147 5.16 1.60 -36.27
N LYS B 148 5.73 1.15 -37.36
CA LYS B 148 6.01 2.06 -38.52
C LYS B 148 4.72 2.57 -39.13
N ASN B 149 3.60 1.87 -39.00
CA ASN B 149 2.27 2.35 -39.47
C ASN B 149 1.61 3.41 -38.55
N GLY B 150 2.28 3.81 -37.48
CA GLY B 150 1.84 4.89 -36.59
C GLY B 150 0.88 4.43 -35.52
N GLN B 151 0.52 3.18 -35.56
CA GLN B 151 -0.18 2.53 -34.43
C GLN B 151 0.84 1.99 -33.44
N CYS B 152 0.33 1.63 -32.30
CA CYS B 152 1.16 1.12 -31.18
C CYS B 152 0.74 -0.31 -30.85
N CYS B 153 1.57 -0.99 -30.08
CA CYS B 153 1.22 -2.30 -29.52
C CYS B 153 1.64 -2.36 -28.06
N ILE B 154 0.79 -3.03 -27.29
CA ILE B 154 0.97 -3.20 -25.82
C ILE B 154 1.86 -4.41 -25.55
N ALA B 155 2.80 -4.21 -24.65
CA ALA B 155 3.82 -5.22 -24.29
C ALA B 155 3.79 -5.46 -22.79
N ASP B 156 4.38 -6.57 -22.43
CA ASP B 156 4.74 -6.98 -21.06
C ASP B 156 3.49 -7.48 -20.34
N LEU B 157 3.24 -8.78 -20.47
CA LEU B 157 2.05 -9.39 -19.86
C LEU B 157 2.43 -10.13 -18.59
N GLY B 158 3.60 -9.88 -18.01
CA GLY B 158 4.05 -10.62 -16.82
C GLY B 158 3.24 -10.46 -15.56
N LEU B 159 2.41 -9.44 -15.49
N LEU B 159 2.43 -9.39 -15.43
CA LEU B 159 1.60 -9.15 -14.31
CA LEU B 159 1.55 -9.18 -14.25
C LEU B 159 0.13 -9.43 -14.64
C LEU B 159 0.10 -9.49 -14.61
N ALA B 160 -0.19 -9.97 -15.82
CA ALA B 160 -1.59 -10.08 -16.29
C ALA B 160 -2.43 -11.00 -15.39
N VAL B 161 -3.69 -10.67 -15.30
CA VAL B 161 -4.77 -11.46 -14.60
C VAL B 161 -5.74 -11.93 -15.66
N MET B 162 -6.18 -13.18 -15.54
CA MET B 162 -7.08 -13.76 -16.58
C MET B 162 -8.40 -14.13 -15.91
N HIS B 163 -9.49 -13.96 -16.64
CA HIS B 163 -10.83 -14.31 -16.13
C HIS B 163 -11.65 -14.95 -17.25
N SER B 164 -12.39 -15.99 -16.91
CA SER B 164 -13.39 -16.56 -17.85
C SER B 164 -14.78 -16.51 -17.21
N GLN B 165 -15.71 -15.77 -17.80
CA GLN B 165 -17.05 -15.70 -17.15
C GLN B 165 -17.76 -17.01 -17.48
N SER B 166 -17.32 -17.74 -18.49
CA SER B 166 -17.93 -19.03 -18.91
C SER B 166 -17.84 -20.03 -17.76
N THR B 167 -16.73 -20.03 -17.04
CA THR B 167 -16.44 -21.02 -15.97
C THR B 167 -16.34 -20.34 -14.62
N ASN B 168 -16.50 -19.02 -14.56
CA ASN B 168 -16.43 -18.27 -13.30
C ASN B 168 -15.05 -18.49 -12.66
N GLN B 169 -14.00 -18.40 -13.47
CA GLN B 169 -12.62 -18.62 -12.95
C GLN B 169 -11.81 -17.33 -13.08
N LEU B 170 -11.13 -16.98 -12.00
CA LEU B 170 -10.20 -15.85 -11.93
C LEU B 170 -8.82 -16.39 -11.61
N ASP B 171 -7.84 -16.05 -12.45
CA ASP B 171 -6.45 -16.53 -12.30
C ASP B 171 -5.57 -15.30 -12.08
N VAL B 172 -5.22 -15.01 -10.84
CA VAL B 172 -4.41 -13.82 -10.46
C VAL B 172 -2.93 -14.17 -10.48
N GLY B 173 -2.60 -15.42 -10.76
CA GLY B 173 -1.21 -15.85 -10.85
C GLY B 173 -0.56 -15.76 -9.50
N ASN B 174 0.77 -15.76 -9.48
CA ASN B 174 1.58 -15.96 -8.26
C ASN B 174 2.78 -15.00 -8.21
N ASN B 175 2.62 -13.74 -8.60
CA ASN B 175 3.78 -12.87 -8.90
C ASN B 175 3.88 -11.83 -7.81
N PRO B 176 5.00 -11.75 -7.07
CA PRO B 176 5.20 -10.74 -6.02
C PRO B 176 5.42 -9.35 -6.60
N ARG B 177 5.73 -9.28 -7.89
CA ARG B 177 5.97 -8.00 -8.60
C ARG B 177 4.69 -7.17 -8.49
N VAL B 178 4.86 -5.86 -8.32
CA VAL B 178 3.71 -4.92 -8.39
C VAL B 178 3.90 -3.98 -9.57
N GLY B 179 2.84 -3.27 -9.88
CA GLY B 179 2.89 -2.32 -11.00
C GLY B 179 3.89 -1.20 -10.81
N THR B 180 4.17 -0.50 -11.91
CA THR B 180 5.06 0.68 -11.85
C THR B 180 4.43 1.73 -10.95
N LYS B 181 5.21 2.21 -9.96
CA LYS B 181 4.60 3.03 -8.87
C LYS B 181 3.93 4.29 -9.41
N ARG B 182 4.55 4.95 -10.35
CA ARG B 182 4.04 6.22 -10.89
C ARG B 182 2.65 6.09 -11.52
N TYR B 183 2.31 4.89 -12.02
CA TYR B 183 1.03 4.65 -12.74
C TYR B 183 -0.01 3.93 -11.86
N MET B 184 0.32 3.68 -10.58
CA MET B 184 -0.62 2.89 -9.74
C MET B 184 -1.88 3.68 -9.45
N ALA B 185 -3.05 3.04 -9.61
CA ALA B 185 -4.35 3.61 -9.24
C ALA B 185 -4.46 3.86 -7.74
N PRO B 186 -5.35 4.76 -7.32
CA PRO B 186 -5.54 5.06 -5.90
C PRO B 186 -5.73 3.78 -5.07
N GLU B 187 -6.57 2.86 -5.54
CA GLU B 187 -6.97 1.62 -4.79
C GLU B 187 -5.76 0.69 -4.73
N VAL B 188 -4.77 0.80 -5.63
CA VAL B 188 -3.53 0.01 -5.54
C VAL B 188 -2.64 0.65 -4.46
N LEU B 189 -2.52 1.96 -4.51
CA LEU B 189 -1.64 2.72 -3.60
C LEU B 189 -2.16 2.66 -2.15
N ASP B 190 -3.45 2.57 -1.93
CA ASP B 190 -4.00 2.52 -0.55
C ASP B 190 -4.34 1.07 -0.22
N GLU B 191 -4.09 0.15 -1.15
CA GLU B 191 -4.22 -1.31 -0.92
C GLU B 191 -5.67 -1.66 -0.51
N THR B 192 -6.67 -0.92 -0.95
CA THR B 192 -8.08 -1.29 -0.74
C THR B 192 -8.67 -2.00 -1.97
N ILE B 193 -7.93 -2.12 -3.05
CA ILE B 193 -8.38 -2.87 -4.25
C ILE B 193 -8.98 -4.22 -3.85
N GLN B 194 -10.12 -4.54 -4.48
CA GLN B 194 -10.91 -5.76 -4.23
C GLN B 194 -10.24 -6.89 -5.01
N VAL B 195 -9.38 -7.66 -4.37
CA VAL B 195 -8.45 -8.56 -5.11
C VAL B 195 -9.17 -9.76 -5.75
N ASP B 196 -10.39 -10.09 -5.38
CA ASP B 196 -11.00 -11.32 -5.98
C ASP B 196 -12.07 -10.92 -6.99
N CYS B 197 -12.00 -9.67 -7.47
CA CYS B 197 -12.95 -9.09 -8.43
CA CYS B 197 -12.96 -9.12 -8.47
C CYS B 197 -12.20 -8.78 -9.74
N PHE B 198 -12.49 -9.47 -10.81
CA PHE B 198 -11.75 -9.22 -12.08
C PHE B 198 -11.93 -7.78 -12.50
N ASP B 199 -13.11 -7.21 -12.36
CA ASP B 199 -13.39 -5.83 -12.80
C ASP B 199 -12.42 -4.87 -12.09
N SER B 200 -11.98 -5.16 -10.88
CA SER B 200 -11.00 -4.31 -10.16
C SER B 200 -9.77 -4.12 -11.04
N TYR B 201 -9.26 -5.18 -11.64
CA TYR B 201 -7.98 -5.09 -12.39
C TYR B 201 -8.22 -4.33 -13.70
N LYS B 202 -9.38 -4.51 -14.34
CA LYS B 202 -9.65 -3.73 -15.58
C LYS B 202 -9.61 -2.25 -15.20
N ARG B 203 -10.17 -1.87 -14.04
CA ARG B 203 -10.30 -0.46 -13.63
C ARG B 203 -8.91 0.13 -13.36
N VAL B 204 -7.99 -0.69 -12.89
CA VAL B 204 -6.60 -0.27 -12.68
C VAL B 204 -5.97 0.07 -14.03
N ASP B 205 -6.20 -0.77 -15.04
CA ASP B 205 -5.72 -0.50 -16.42
C ASP B 205 -6.31 0.81 -16.96
N ILE B 206 -7.58 1.09 -16.68
CA ILE B 206 -8.21 2.32 -17.20
C ILE B 206 -7.55 3.56 -16.61
N TRP B 207 -7.26 3.52 -15.30
CA TRP B 207 -6.52 4.61 -14.62
C TRP B 207 -5.21 4.85 -15.38
N ALA B 208 -4.43 3.78 -15.60
CA ALA B 208 -3.10 3.93 -16.20
C ALA B 208 -3.26 4.40 -17.64
N PHE B 209 -4.30 3.93 -18.33
CA PHE B 209 -4.50 4.38 -19.72
CA PHE B 209 -4.58 4.38 -19.71
C PHE B 209 -4.76 5.89 -19.71
N GLY B 210 -5.56 6.39 -18.74
CA GLY B 210 -5.76 7.86 -18.65
C GLY B 210 -4.45 8.60 -18.51
N LEU B 211 -3.52 8.07 -17.73
CA LEU B 211 -2.21 8.71 -17.59
C LEU B 211 -1.47 8.69 -18.94
N VAL B 212 -1.47 7.59 -19.67
CA VAL B 212 -0.82 7.49 -20.98
C VAL B 212 -1.49 8.47 -21.96
N LEU B 213 -2.80 8.58 -21.94
N LEU B 213 -2.80 8.61 -21.91
CA LEU B 213 -3.52 9.56 -22.80
CA LEU B 213 -3.51 9.55 -22.82
C LEU B 213 -2.93 10.96 -22.52
C LEU B 213 -3.08 10.99 -22.53
N TRP B 214 -2.84 11.34 -21.26
CA TRP B 214 -2.26 12.64 -20.84
C TRP B 214 -0.84 12.79 -21.39
N GLU B 215 -0.01 11.77 -21.28
CA GLU B 215 1.39 11.89 -21.74
C GLU B 215 1.39 12.23 -23.23
N VAL B 216 0.57 11.52 -23.99
CA VAL B 216 0.48 11.67 -25.46
C VAL B 216 -0.08 13.05 -25.80
N ALA B 217 -1.21 13.39 -25.22
CA ALA B 217 -1.91 14.66 -25.57
C ALA B 217 -1.02 15.87 -25.37
N ARG B 218 -0.17 15.87 -24.36
CA ARG B 218 0.78 16.97 -24.09
C ARG B 218 1.64 17.22 -25.31
N ARG B 219 1.92 16.20 -26.11
CA ARG B 219 2.82 16.29 -27.28
C ARG B 219 2.08 16.64 -28.57
N MET B 220 0.78 16.78 -28.53
CA MET B 220 0.01 17.16 -29.73
C MET B 220 -0.02 18.69 -29.83
N VAL B 221 0.40 19.22 -30.97
CA VAL B 221 0.43 20.70 -31.17
C VAL B 221 -0.99 21.21 -31.35
N SER B 222 -1.28 22.35 -30.75
CA SER B 222 -2.48 23.14 -31.10
C SER B 222 -2.08 24.61 -31.02
N ASN B 223 -2.50 25.35 -32.03
CA ASN B 223 -2.32 26.82 -32.04
C ASN B 223 -0.84 27.17 -31.85
N GLY B 224 0.07 26.35 -32.39
CA GLY B 224 1.52 26.60 -32.28
C GLY B 224 2.11 26.28 -30.92
N ILE B 225 1.34 25.66 -30.01
CA ILE B 225 1.83 25.40 -28.63
C ILE B 225 1.90 23.88 -28.47
N VAL B 226 2.86 23.43 -27.69
CA VAL B 226 2.95 22.02 -27.25
C VAL B 226 3.60 22.04 -25.88
N GLU B 227 3.33 21.03 -25.05
CA GLU B 227 4.10 20.85 -23.79
C GLU B 227 5.31 19.95 -24.03
N ASP B 228 6.35 20.15 -23.23
CA ASP B 228 7.48 19.21 -23.16
C ASP B 228 6.97 17.87 -22.62
N TYR B 229 7.60 16.80 -23.08
CA TYR B 229 7.35 15.46 -22.49
C TYR B 229 7.61 15.55 -20.99
N LYS B 230 6.66 15.06 -20.22
CA LYS B 230 6.86 14.78 -18.77
C LYS B 230 6.10 13.50 -18.42
N PRO B 231 6.64 12.71 -17.48
CA PRO B 231 5.92 11.56 -16.96
C PRO B 231 4.83 12.01 -16.00
N PRO B 232 3.78 11.17 -15.79
CA PRO B 232 2.72 11.49 -14.85
C PRO B 232 3.30 11.83 -13.46
N PHE B 233 2.78 12.92 -12.90
CA PHE B 233 3.08 13.40 -11.53
C PHE B 233 4.51 13.91 -11.43
N TYR B 234 5.14 14.32 -12.54
CA TYR B 234 6.53 14.80 -12.56
C TYR B 234 6.69 15.94 -11.56
N ASP B 235 5.66 16.75 -11.38
CA ASP B 235 5.76 18.06 -10.69
C ASP B 235 5.61 17.89 -9.19
N VAL B 236 5.07 16.76 -8.72
CA VAL B 236 4.56 16.65 -7.32
C VAL B 236 5.26 15.56 -6.51
N VAL B 237 6.06 14.71 -7.12
CA VAL B 237 6.79 13.65 -6.39
C VAL B 237 8.27 13.77 -6.65
N PRO B 238 9.09 13.19 -5.74
CA PRO B 238 10.51 13.11 -5.97
C PRO B 238 10.84 12.33 -7.24
N ASN B 239 12.06 12.54 -7.78
CA ASN B 239 12.59 11.61 -8.79
C ASN B 239 12.58 10.20 -8.18
N ASP B 240 12.36 9.20 -8.97
CA ASP B 240 12.33 7.80 -8.54
C ASP B 240 11.36 7.65 -7.37
N PRO B 241 10.08 8.04 -7.51
CA PRO B 241 9.16 8.06 -6.40
C PRO B 241 8.93 6.70 -5.74
N SER B 242 8.82 6.70 -4.43
CA SER B 242 8.45 5.52 -3.63
C SER B 242 6.93 5.28 -3.74
N PHE B 243 6.52 4.09 -3.35
CA PHE B 243 5.12 3.73 -3.17
C PHE B 243 4.44 4.80 -2.30
N GLU B 244 5.05 5.14 -1.15
CA GLU B 244 4.39 6.08 -0.23
C GLU B 244 4.36 7.50 -0.85
N ASP B 245 5.38 7.90 -1.62
CA ASP B 245 5.36 9.20 -2.34
C ASP B 245 4.11 9.27 -3.22
N MET B 246 3.87 8.19 -3.97
CA MET B 246 2.72 8.17 -4.90
C MET B 246 1.41 8.15 -4.14
N ARG B 247 1.33 7.35 -3.07
CA ARG B 247 0.13 7.29 -2.23
C ARG B 247 -0.18 8.70 -1.70
N LYS B 248 0.84 9.41 -1.29
CA LYS B 248 0.61 10.79 -0.77
C LYS B 248 -0.10 11.64 -1.84
N VAL B 249 0.44 11.71 -3.03
CA VAL B 249 -0.10 12.70 -3.99
C VAL B 249 -1.46 12.18 -4.51
N VAL B 250 -1.59 10.89 -4.81
CA VAL B 250 -2.82 10.36 -5.47
C VAL B 250 -3.95 10.22 -4.46
N CYS B 251 -3.66 9.65 -3.31
CA CYS B 251 -4.71 9.26 -2.33
C CYS B 251 -4.91 10.38 -1.28
N VAL B 252 -3.86 10.89 -0.69
CA VAL B 252 -3.98 11.91 0.39
C VAL B 252 -4.30 13.25 -0.24
N ASP B 253 -3.53 13.66 -1.23
CA ASP B 253 -3.61 15.03 -1.84
C ASP B 253 -4.64 15.06 -2.99
N GLN B 254 -5.18 13.92 -3.39
CA GLN B 254 -6.20 13.78 -4.49
C GLN B 254 -5.72 14.43 -5.77
N GLN B 255 -4.43 14.36 -6.06
N GLN B 255 -4.43 14.33 -6.06
CA GLN B 255 -3.85 15.01 -7.26
CA GLN B 255 -3.80 14.99 -7.24
C GLN B 255 -4.17 14.19 -8.50
C GLN B 255 -4.13 14.18 -8.51
N ARG B 256 -4.38 14.89 -9.60
CA ARG B 256 -4.48 14.28 -10.94
C ARG B 256 -3.64 15.14 -11.86
N PRO B 257 -3.13 14.60 -12.97
CA PRO B 257 -2.33 15.44 -13.85
C PRO B 257 -3.13 16.66 -14.27
N ASN B 258 -2.43 17.79 -14.31
CA ASN B 258 -3.08 19.08 -14.66
C ASN B 258 -3.36 19.09 -16.17
N ILE B 259 -4.46 19.68 -16.52
CA ILE B 259 -4.83 19.90 -17.93
C ILE B 259 -4.33 21.29 -18.32
N PRO B 260 -3.38 21.40 -19.26
CA PRO B 260 -2.93 22.73 -19.70
C PRO B 260 -4.13 23.50 -20.28
N ASN B 261 -4.25 24.77 -19.90
CA ASN B 261 -5.43 25.55 -20.36
C ASN B 261 -5.43 25.69 -21.88
N ARG B 262 -4.29 25.63 -22.55
CA ARG B 262 -4.30 25.76 -24.05
C ARG B 262 -5.11 24.64 -24.69
N TRP B 263 -5.29 23.49 -24.02
CA TRP B 263 -6.06 22.39 -24.61
C TRP B 263 -7.50 22.83 -24.90
N PHE B 264 -8.05 23.72 -24.09
CA PHE B 264 -9.50 24.04 -24.16
C PHE B 264 -9.84 24.82 -25.43
N SER B 265 -8.90 25.36 -26.21
N SER B 265 -8.82 25.36 -26.11
CA SER B 265 -9.30 26.01 -27.50
CA SER B 265 -8.93 26.08 -27.40
C SER B 265 -9.33 24.97 -28.63
C SER B 265 -8.99 25.12 -28.60
N ASP B 266 -8.75 23.80 -28.40
CA ASP B 266 -8.70 22.75 -29.44
C ASP B 266 -9.77 21.69 -29.18
N PRO B 267 -10.66 21.39 -30.14
CA PRO B 267 -11.73 20.41 -29.90
C PRO B 267 -11.19 19.02 -29.54
N THR B 268 -10.13 18.59 -30.21
CA THR B 268 -9.57 17.25 -30.00
C THR B 268 -9.05 17.14 -28.57
N LEU B 269 -8.22 18.09 -28.15
CA LEU B 269 -7.65 18.05 -26.79
C LEU B 269 -8.73 18.28 -25.73
N THR B 270 -9.75 19.04 -26.03
CA THR B 270 -10.90 19.23 -25.10
C THR B 270 -11.55 17.87 -24.91
N SER B 271 -11.79 17.13 -25.99
CA SER B 271 -12.41 15.79 -25.92
C SER B 271 -11.50 14.84 -25.16
N LEU B 272 -10.18 14.87 -25.44
CA LEU B 272 -9.26 13.95 -24.74
C LEU B 272 -9.20 14.27 -23.25
N ALA B 273 -9.19 15.55 -22.85
CA ALA B 273 -9.20 15.95 -21.43
C ALA B 273 -10.45 15.37 -20.76
N LYS B 274 -11.59 15.41 -21.43
CA LYS B 274 -12.83 14.83 -20.88
C LYS B 274 -12.65 13.33 -20.65
N LEU B 275 -12.06 12.65 -21.64
CA LEU B 275 -11.84 11.20 -21.55
C LEU B 275 -10.90 10.89 -20.39
N MET B 276 -9.78 11.61 -20.27
CA MET B 276 -8.82 11.41 -19.15
C MET B 276 -9.54 11.50 -17.81
N LYS B 277 -10.35 12.52 -17.64
CA LYS B 277 -11.05 12.76 -16.38
C LYS B 277 -11.92 11.56 -16.04
N GLU B 278 -12.51 10.90 -17.03
CA GLU B 278 -13.41 9.76 -16.76
C GLU B 278 -12.60 8.46 -16.57
N CYS B 279 -11.28 8.53 -16.69
CA CYS B 279 -10.37 7.42 -16.30
C CYS B 279 -9.87 7.58 -14.87
N TRP B 280 -10.04 8.75 -14.27
CA TRP B 280 -9.32 9.20 -13.05
C TRP B 280 -10.23 9.34 -11.83
N TYR B 281 -11.47 8.91 -11.91
CA TYR B 281 -12.31 8.93 -10.70
C TYR B 281 -11.62 8.11 -9.61
N GLN B 282 -11.66 8.56 -8.35
CA GLN B 282 -11.19 7.73 -7.21
C GLN B 282 -12.09 6.49 -7.11
N ASN B 283 -13.40 6.61 -7.34
CA ASN B 283 -14.32 5.46 -7.37
C ASN B 283 -14.04 4.62 -8.61
N PRO B 284 -13.43 3.41 -8.47
CA PRO B 284 -13.07 2.62 -9.66
C PRO B 284 -14.27 2.33 -10.56
N SER B 285 -15.44 2.07 -9.95
N SER B 285 -15.43 2.07 -9.97
CA SER B 285 -16.66 1.70 -10.70
CA SER B 285 -16.65 1.69 -10.74
C SER B 285 -17.19 2.88 -11.54
C SER B 285 -17.17 2.88 -11.58
N ALA B 286 -16.74 4.11 -11.30
CA ALA B 286 -17.19 5.28 -12.08
C ALA B 286 -16.42 5.39 -13.41
N ARG B 287 -15.28 4.70 -13.49
CA ARG B 287 -14.36 4.89 -14.63
C ARG B 287 -14.96 4.28 -15.90
N LEU B 288 -14.63 4.84 -17.05
CA LEU B 288 -15.08 4.28 -18.37
C LEU B 288 -14.46 2.90 -18.59
N THR B 289 -15.10 2.09 -19.42
CA THR B 289 -14.57 0.81 -19.92
C THR B 289 -13.66 1.05 -21.12
N ALA B 290 -12.80 0.08 -21.42
CA ALA B 290 -11.90 0.16 -22.56
C ALA B 290 -12.71 0.22 -23.84
N LEU B 291 -13.80 -0.52 -23.89
CA LEU B 291 -14.65 -0.50 -25.11
C LEU B 291 -15.23 0.91 -25.31
N ARG B 292 -15.68 1.54 -24.25
CA ARG B 292 -16.29 2.89 -24.33
C ARG B 292 -15.22 3.87 -24.75
N ILE B 293 -13.98 3.72 -24.23
CA ILE B 293 -12.90 4.62 -24.67
C ILE B 293 -12.65 4.41 -26.16
N LYS B 294 -12.58 3.16 -26.62
CA LYS B 294 -12.31 2.89 -28.06
C LYS B 294 -13.41 3.55 -28.90
N LYS B 295 -14.66 3.39 -28.49
CA LYS B 295 -15.80 3.94 -29.26
C LYS B 295 -15.71 5.46 -29.28
N THR B 296 -15.37 6.08 -28.14
CA THR B 296 -15.26 7.55 -28.05
C THR B 296 -14.15 8.07 -28.97
N LEU B 297 -13.02 7.39 -29.00
CA LEU B 297 -11.85 7.79 -29.84
C LEU B 297 -12.13 7.53 -31.32
N THR B 298 -12.98 6.57 -31.65
CA THR B 298 -13.38 6.26 -33.04
C THR B 298 -14.20 7.45 -33.58
N LYS B 299 -14.99 8.10 -32.72
CA LYS B 299 -15.87 9.25 -33.08
C LYS B 299 -15.17 10.62 -33.03
N ILE B 300 -14.07 10.78 -32.29
CA ILE B 300 -13.32 12.08 -32.17
C ILE B 300 -12.48 12.27 -33.44
N ASP B 301 -12.21 13.52 -33.87
CA ASP B 301 -11.31 13.84 -35.01
C ASP B 301 -10.54 15.15 -34.74
C10 LU8 C . 9.11 7.21 26.89
C10 LU8 C . 8.75 7.07 26.95
C13 LU8 C . 7.01 9.01 29.57
C13 LU8 C . 6.25 8.50 29.52
C15 LU8 C . 7.24 11.12 30.82
C15 LU8 C . 6.53 10.51 31.10
C17 LU8 C . 7.73 12.18 33.06
C17 LU8 C . 6.34 10.97 33.62
C20 LU8 C . 6.97 13.60 31.32
C20 LU8 C . 4.67 11.76 32.08
C21 LU8 C . 7.24 12.55 30.24
C21 LU8 C . 5.01 10.68 31.06
C22 LU8 C . 8.96 10.31 29.13
C22 LU8 C . 8.27 9.80 29.52
C24 LU8 C . 8.95 5.80 26.94
C24 LU8 C . 8.68 5.69 26.89
C26 LU8 C . 8.02 2.93 25.72
C26 LU8 C . 8.02 2.97 25.90
C01 LU8 C . 12.70 1.02 25.46
C01 LU8 C . 12.57 1.11 25.49
C03 LU8 C . 10.26 1.36 25.60
C03 LU8 C . 10.20 1.34 25.50
C04 LU8 C . 10.39 2.76 25.68
C04 LU8 C . 10.36 2.72 25.56
C05 LU8 C . 9.28 3.56 25.74
C05 LU8 C . 9.26 3.55 25.76
C06 LU8 C . 9.40 5.05 25.83
C06 LU8 C . 9.34 5.03 25.84
C07 LU8 C . 10.01 5.67 24.73
C07 LU8 C . 10.08 5.73 24.88
C09 LU8 C . 9.67 7.74 25.73
C09 LU8 C . 9.48 7.70 25.95
C11 LU8 C . 8.65 8.20 27.94
C11 LU8 C . 8.09 7.90 28.03
C12 LU8 C . 7.42 8.06 28.61
C12 LU8 C . 6.79 7.67 28.53
C14 LU8 C . 7.76 10.14 29.81
C14 LU8 C . 7.00 9.56 30.04
C16 LU8 C . 7.98 10.99 32.13
C16 LU8 C . 6.98 10.08 32.50
C19 LU8 C . 9.39 13.66 31.94
C19 LU8 C . 4.20 9.84 33.43
C23 LU8 C . 9.41 9.35 28.19
C23 LU8 C . 8.82 8.95 28.54
C25 LU8 C . 8.36 5.12 28.16
C25 LU8 C . 7.93 4.94 27.97
C27 LU8 C . 7.90 1.53 25.64
C27 LU8 C . 7.86 1.59 25.82
C29 LU8 C . 5.45 1.39 25.95
C29 LU8 C . 5.48 1.92 26.02
C30 LU8 C . 9.02 0.76 25.61
C30 LU8 C . 8.95 0.77 25.66
C32 LU8 C . 8.92 -1.18 24.28
C32 LU8 C . 9.00 -1.16 24.32
N08 LU8 C . 10.13 7.01 24.69
N08 LU8 C . 10.14 7.07 24.95
N18 LU8 C . 7.97 13.46 32.39
N18 LU8 C . 4.90 11.13 33.38
O02 LU8 C . 11.37 0.52 25.54
O02 LU8 C . 11.27 0.51 25.32
O28 LU8 C . 6.72 0.81 25.57
O28 LU8 C . 6.62 1.03 25.93
O31 LU8 C . 8.88 -0.60 25.53
O31 LU8 C . 8.80 -0.59 25.59
C1 EDO D . 10.00 5.96 14.94
O1 EDO D . 8.69 5.79 14.72
C2 EDO D . 9.86 6.47 16.28
O2 EDO D . 10.80 6.06 17.14
C1 EDO E . -20.98 1.84 28.26
O1 EDO E . -21.33 2.83 29.29
C2 EDO E . -19.64 1.23 28.41
O2 EDO E . -18.53 2.10 28.87
C1 EDO F . -23.30 -15.93 29.08
O1 EDO F . -22.69 -15.79 27.80
C2 EDO F . -22.38 -16.55 30.08
O2 EDO F . -22.09 -15.74 31.21
C1 EDO G . -11.78 2.26 35.98
O1 EDO G . -12.62 1.55 35.10
C2 EDO G . -12.25 3.51 36.59
O2 EDO G . -13.65 3.59 37.04
S DMS H . 18.52 7.98 13.70
O DMS H . 19.06 6.97 12.75
C1 DMS H . 19.21 9.56 13.23
C2 DMS H . 16.84 8.27 13.20
C10 LU8 I . 28.88 -0.12 16.71
C13 LU8 I . 28.22 -1.37 13.23
C15 LU8 I . 29.61 -2.47 11.47
C17 LU8 I . 30.67 -2.21 9.27
C20 LU8 I . 30.05 -4.40 9.97
C21 LU8 I . 30.02 -3.93 11.43
C22 LU8 I . 30.47 -1.77 13.78
C24 LU8 I . 27.97 -0.68 17.63
C26 LU8 I . 27.43 -2.04 20.43
C01 LU8 I . 24.30 1.54 22.44
C03 LU8 I . 25.53 -0.51 21.87
C04 LU8 I . 26.18 0.07 20.80
C05 LU8 I . 27.10 -0.68 20.05
C06 LU8 I . 27.90 -0.14 18.90
C07 LU8 I . 28.81 0.86 19.29
C09 LU8 I . 29.69 0.89 17.15
C11 LU8 I . 29.00 -0.65 15.38
C12 LU8 I . 27.99 -0.78 14.47
C14 LU8 I . 29.46 -1.88 12.85
C16 LU8 I . 30.63 -1.65 10.70
C19 LU8 I . 31.28 -4.10 7.88
C23 LU8 I . 30.23 -1.18 15.02
C25 LU8 I . 27.05 -1.74 17.18
C27 LU8 I . 26.77 -2.60 21.53
C29 LU8 I . 27.82 -4.71 21.12
C30 LU8 I . 25.85 -1.83 22.21
C32 LU8 I . 23.88 -2.77 23.16
N08 LU8 I . 29.65 1.41 18.40
N18 LU8 I . 31.09 -3.61 9.27
O02 LU8 I . 24.60 0.16 22.66
O28 LU8 I . 26.98 -3.88 22.01
O31 LU8 I . 25.26 -2.37 23.30
C10 LU8 J . 27.82 1.96 12.20
C13 LU8 J . 28.63 1.18 8.60
C15 LU8 J . 27.43 -0.49 6.97
C17 LU8 J . 27.39 -0.01 4.43
C20 LU8 J . 27.57 -2.26 5.27
C21 LU8 J . 28.14 -1.79 6.62
C22 LU8 J . 26.80 -0.22 9.29
C24 LU8 J . 26.69 2.40 12.93
C26 LU8 J . 24.73 2.48 15.63
C01 LU8 J . 24.55 7.42 15.26
C03 LU8 J . 24.13 5.14 15.70
C04 LU8 J . 25.30 4.74 15.08
C05 LU8 J . 25.60 3.41 14.98
C06 LU8 J . 26.80 2.93 14.20
C07 LU8 J . 28.08 3.00 14.76
C09 LU8 J . 29.03 2.07 12.86
C11 LU8 J . 27.80 1.39 10.85
C12 LU8 J . 28.76 1.79 9.85
C14 LU8 J . 27.69 0.17 8.28
C16 LU8 J . 27.60 0.53 5.84
C19 LU8 J . 29.44 -1.24 4.09
C23 LU8 J . 26.86 0.39 10.55
C25 LU8 J . 25.32 2.36 12.30
C27 LU8 J . 23.63 2.87 16.28
C29 LU8 J . 23.04 0.65 16.90
C30 LU8 J . 23.32 4.19 16.31
C32 LU8 J . 21.99 5.04 18.25
N08 LU8 J . 29.14 2.61 14.09
N18 LU8 J . 27.96 -1.34 4.19
O02 LU8 J . 23.72 6.42 15.88
O28 LU8 J . 22.69 2.05 16.90
O31 LU8 J . 22.15 4.55 16.92
N01 XHJ K . 1.40 11.74 7.45
N01 XHJ K . 0.39 9.58 9.43
N01 XHJ K . -1.81 13.06 8.73
C02 XHJ K . 0.12 11.51 8.11
C02 XHJ K . 0.26 11.06 9.37
C02 XHJ K . -0.53 12.44 9.19
C03 XHJ K . -0.59 12.59 8.11
C03 XHJ K . -0.79 11.42 10.11
C03 XHJ K . 0.06 11.75 8.24
C04 XHJ K . -1.37 12.57 9.42
C04 XHJ K . -1.69 12.26 9.19
C04 XHJ K . 0.76 10.55 8.90
N05 XHJ K . -0.75 11.45 10.25
N05 XHJ K . -1.03 12.32 7.80
N05 XHJ K . 0.09 10.42 10.28
N06 XHJ K . 0.36 11.14 9.65
N06 XHJ K . 0.11 11.68 7.88
N06 XHJ K . -0.74 11.44 10.45
S SO4 L . -24.19 12.66 26.70
O1 SO4 L . -24.70 12.37 25.40
O2 SO4 L . -23.66 13.95 26.69
O3 SO4 L . -23.21 11.73 27.04
O4 SO4 L . -25.21 12.61 27.72
S SO4 M . -6.39 -0.93 34.33
O1 SO4 M . -6.92 -1.21 33.03
O2 SO4 M . -7.42 -0.38 35.18
O3 SO4 M . -5.32 0.03 34.20
O4 SO4 M . -5.90 -2.13 34.95
S SO4 N . 10.76 13.00 18.71
O1 SO4 N . 11.14 11.89 17.87
O2 SO4 N . 10.17 14.01 17.85
O3 SO4 N . 11.95 13.57 19.39
O4 SO4 N . 9.82 12.62 19.71
C1 EDO O . 10.30 -4.04 6.93
O1 EDO O . 10.57 -3.05 5.94
C2 EDO O . 10.35 -3.29 8.18
O2 EDO O . 9.63 -2.10 8.25
C1 EDO P . -24.14 21.54 19.99
O1 EDO P . -24.46 22.10 18.72
C2 EDO P . -22.83 20.84 20.05
O2 EDO P . -22.17 21.03 21.27
C1 EDO Q . 1.91 -1.94 35.26
O1 EDO Q . 2.14 -1.97 36.65
C2 EDO Q . 1.83 -3.31 34.72
O2 EDO Q . 2.98 -3.70 34.01
C1 EDO R . -17.89 11.53 33.09
O1 EDO R . -18.84 10.49 32.83
C2 EDO R . -16.88 11.72 31.99
O2 EDO R . -17.38 11.69 30.64
C10 LU8 S . 12.06 -2.49 -28.30
C13 LU8 S . 14.70 0.06 -29.18
C15 LU8 S . 15.39 2.21 -28.21
C17 LU8 S . 15.45 4.72 -27.59
C20 LU8 S . 17.29 3.36 -26.84
C21 LU8 S . 16.50 2.08 -27.14
C22 LU8 S . 13.49 0.83 -27.20
C24 LU8 S . 11.71 -3.25 -27.16
C26 LU8 S . 9.65 -4.64 -25.23
C01 LU8 S . 11.16 -9.36 -26.06
C03 LU8 S . 10.13 -7.36 -25.16
C04 LU8 S . 10.60 -6.63 -26.26
C05 LU8 S . 10.37 -5.25 -26.28
C06 LU8 S . 10.86 -4.38 -27.41
C07 LU8 S . 10.45 -4.73 -28.68
C09 LU8 S . 11.59 -2.90 -29.51
C11 LU8 S . 12.91 -1.27 -28.23
C12 LU8 S . 13.91 -1.10 -29.21
C14 LU8 S . 14.51 0.98 -28.16
C16 LU8 S . 14.59 3.49 -27.98
C19 LU8 S . 17.66 5.62 -27.25
C23 LU8 S . 12.70 -0.32 -27.21
C25 LU8 S . 12.23 -2.92 -25.78
C27 LU8 S . 9.15 -5.41 -24.20
C29 LU8 S . 8.36 -3.48 -23.04
C30 LU8 S . 9.44 -6.74 -24.16
C32 LU8 S . 7.74 -8.12 -23.31
N08 LU8 S . 10.82 -3.98 -29.77
N18 LU8 S . 16.89 4.44 -27.72
O02 LU8 S . 10.29 -8.76 -25.12
O28 LU8 S . 8.44 -4.90 -23.14
O31 LU8 S . 8.97 -7.48 -23.09
S SO4 T . 7.31 -2.31 -37.43
O1 SO4 T . 8.60 -2.49 -38.01
O2 SO4 T . 6.45 -1.64 -38.33
O3 SO4 T . 6.74 -3.61 -37.14
O4 SO4 T . 7.53 -1.60 -36.23
C1 EDO U . -0.99 17.78 -10.29
O1 EDO U . -0.06 18.92 -10.04
C2 EDO U . -0.36 16.46 -10.41
O2 EDO U . 0.70 16.28 -11.41
S DMS V . -23.16 2.99 -28.65
O DMS V . -21.82 3.67 -28.84
C1 DMS V . -22.83 1.45 -27.88
C2 DMS V . -23.95 3.80 -27.28
N01 XHJ W . -4.15 -8.97 -6.44
C02 XHJ W . -3.08 -9.87 -6.71
C03 XHJ W . -1.94 -9.26 -6.58
C04 XHJ W . -1.04 -10.23 -7.30
N05 XHJ W . -1.89 -10.65 -8.50
N06 XHJ W . -3.12 -10.37 -8.20
N01 XHJ X . 17.55 3.85 -30.63
C02 XHJ X . 18.08 2.64 -30.05
C03 XHJ X . 19.32 2.44 -30.33
C04 XHJ X . 19.45 0.93 -30.35
N05 XHJ X . 18.03 0.39 -30.47
N06 XHJ X . 17.30 1.43 -30.73
N01 XHJ Y . 3.07 9.03 -36.07
C02 XHJ Y . 3.60 7.71 -36.34
C03 XHJ Y . 4.77 7.39 -35.85
C04 XHJ Y . 5.02 6.07 -36.57
N05 XHJ Y . 4.54 6.41 -37.96
N06 XHJ Y . 3.72 7.40 -37.88
N01 XHJ Z . 0.39 -15.59 -31.33
N01 XHJ Z . 0.16 -11.34 -29.75
C02 XHJ Z . 0.92 -14.59 -30.45
C02 XHJ Z . 0.86 -12.61 -29.92
C03 XHJ Z . -0.01 -14.18 -29.65
C03 XHJ Z . 1.17 -12.93 -31.10
C04 XHJ Z . 0.08 -12.69 -29.61
C04 XHJ Z . 1.10 -14.44 -31.11
N05 XHJ Z . 1.18 -12.34 -30.53
N05 XHJ Z . 0.21 -14.80 -29.95
N06 XHJ Z . 1.39 -13.31 -31.28
N06 XHJ Z . -0.23 -13.66 -29.51
S SO4 AA . 8.69 1.27 -10.27
O1 SO4 AA . 9.09 1.10 -11.65
O2 SO4 AA . 7.68 2.28 -10.20
O3 SO4 AA . 8.18 0.03 -9.76
O4 SO4 AA . 9.85 1.67 -9.50
C1 EDO BA . 1.91 -6.10 -32.86
O1 EDO BA . 1.23 -7.21 -33.37
C2 EDO BA . 3.26 -6.07 -33.38
O2 EDO BA . 4.19 -6.87 -32.75
C1 EDO CA . 5.41 23.15 -33.14
O1 EDO CA . 4.33 24.06 -33.22
C2 EDO CA . 6.04 23.24 -31.82
O2 EDO CA . 5.50 24.35 -31.09
#